data_7VAE
#
_entry.id   7VAE
#
_cell.length_a   1.00
_cell.length_b   1.00
_cell.length_c   1.00
_cell.angle_alpha   90.00
_cell.angle_beta   90.00
_cell.angle_gamma   90.00
#
_symmetry.space_group_name_H-M   'P 1'
#
loop_
_entity.id
_entity.type
_entity.pdbx_description
1 polymer 'Solute carrier family 10 (Sodium/bile acid cotransporter family), member 1'
2 polymer 'Fab heavy chain from antibody IgG clone number YN69202'
3 polymer 'Fab light chain from antibody IgG clone number YN69202'
#
loop_
_entity_poly.entity_id
_entity_poly.type
_entity_poly.pdbx_seq_one_letter_code
_entity_poly.pdbx_strand_id
1 'polypeptide(L)'
;MEAFNESSPFNFSLPHNFGKRPTDRALSVILVIMLLTIMLSLGCTMEFSKIKAHFWRPKGLAVALVAQFGIMPLTAFGLG
KFFQLNNVEALAILICGCSPGGNLSNVFALAIKGDMNLSIVMTTCSTFFALGMMPLLLYLYSRGIYDGSLKDKVPYGGIM
ISLILILIPCTIGIILKSKRPQYVRYVTKGGIILLLLCSVAVVVLSAINVGKSILFVMTPHLLATSSLMPFIGFLLGYLL
SALFCLNGRCKRTVSMETGCANIQLCSTILNVTFPPEVIGPLFFFPLLYMIFQVGEGLLLVAIFRCYEKFKTPRDDTKMT
ENLYFQGDYKDDDDKHHHHHHHH
;
A
2 'polypeptide(L)'
;EVQLQQSGPELVKPGASVKMSCKASGYTFTSYIIHWVKQKPGQGLEWIGYINPYNDGTKYNEKFKGKGTLTSDKSSSTAY
MELSSLTSEDSAVYYCARSYYDGIPHYFDYWGQGTTLTVSSAKTTPPSVYPLAPGCGDTTGSSVTLGCLVKGYFPESVTV
TWNSGSLSSSVHTFPALLQSGLYTMSSSVTVPSSTWPSQTVTCSVAHPASSTTVDKKLEPSGPISTINPCPPCKECHKCP
APNLEGGPS
;
H
3 'polypeptide(L)'
;DIVMTQSPSSLAVSAGEKVTMSCKSSQSLFNSRTRRNYLAWYQQKPGQSPKLLIYWASTRESGVPDRFTGSGSGTDFTLT
ISSVQAEDLAVYYCKQSYYLLTFGAGTKLELKRADAAPTVSIFPPSSEQLTSGGASVVCFLNNFYPKDINVKWKIDGSER
QNGVLNSWTDQDSKDSTYSMSSTLTLTKDEYERHNSYTCEATHKTSTSPIVKSFNRNEC
;
L
#
# COMPACT_ATOMS: atom_id res chain seq x y z
N PHE A 12 -14.91 17.08 -15.92
CA PHE A 12 -14.16 15.86 -15.60
C PHE A 12 -12.66 16.11 -15.63
N SER A 13 -12.03 15.78 -16.75
CA SER A 13 -10.60 15.98 -16.90
C SER A 13 -10.29 17.47 -17.06
N LEU A 14 -9.00 17.79 -17.03
CA LEU A 14 -8.58 19.18 -17.16
C LEU A 14 -8.96 19.71 -18.54
N PRO A 15 -9.57 20.88 -18.62
CA PRO A 15 -9.89 21.45 -19.92
C PRO A 15 -8.64 21.74 -20.72
N HIS A 16 -8.75 21.58 -22.04
CA HIS A 16 -7.62 21.74 -22.96
C HIS A 16 -6.45 20.87 -22.52
N ASN A 17 -5.23 21.41 -22.61
CA ASN A 17 -4.03 20.73 -22.15
C ASN A 17 -3.23 21.69 -21.30
N PHE A 18 -3.10 21.40 -20.01
CA PHE A 18 -2.30 22.25 -19.14
C PHE A 18 -0.81 22.10 -19.42
N GLY A 19 -0.43 21.04 -20.14
CA GLY A 19 0.96 20.83 -20.44
C GLY A 19 1.54 21.89 -21.36
N LYS A 20 0.75 22.33 -22.34
CA LYS A 20 1.26 23.30 -23.31
C LYS A 20 1.47 24.67 -22.67
N ARG A 21 0.62 25.04 -21.72
CA ARG A 21 0.66 26.34 -21.04
C ARG A 21 0.69 27.46 -22.07
N PRO A 22 -0.42 27.69 -22.79
CA PRO A 22 -0.37 28.65 -23.90
C PRO A 22 -0.22 30.09 -23.47
N THR A 23 -1.04 30.57 -22.54
CA THR A 23 -1.06 31.98 -22.17
C THR A 23 -0.93 32.23 -20.67
N ASP A 24 -0.80 31.18 -19.85
CA ASP A 24 -0.75 31.39 -18.41
C ASP A 24 0.55 32.08 -17.98
N ARG A 25 1.58 32.06 -18.85
CA ARG A 25 2.75 32.89 -18.61
C ARG A 25 2.38 34.36 -18.59
N ALA A 26 1.50 34.78 -19.49
CA ALA A 26 1.03 36.16 -19.50
C ALA A 26 0.28 36.50 -18.22
N LEU A 27 -0.57 35.58 -17.76
CA LEU A 27 -1.27 35.82 -16.50
C LEU A 27 -0.29 35.95 -15.35
N SER A 28 0.72 35.07 -15.31
CA SER A 28 1.71 35.13 -14.24
C SER A 28 2.45 36.47 -14.25
N VAL A 29 2.90 36.91 -15.43
CA VAL A 29 3.66 38.16 -15.47
C VAL A 29 2.78 39.37 -15.15
N ILE A 30 1.51 39.35 -15.57
CA ILE A 30 0.62 40.45 -15.23
C ILE A 30 0.38 40.51 -13.73
N LEU A 31 0.16 39.36 -13.08
CA LEU A 31 0.02 39.37 -11.63
C LEU A 31 1.29 39.84 -10.94
N VAL A 32 2.46 39.44 -11.45
CA VAL A 32 3.72 39.88 -10.85
C VAL A 32 3.84 41.40 -10.94
N ILE A 33 3.57 41.97 -12.12
CA ILE A 33 3.72 43.41 -12.27
C ILE A 33 2.67 44.15 -11.44
N MET A 34 1.47 43.58 -11.31
CA MET A 34 0.45 44.19 -10.46
C MET A 34 0.89 44.22 -9.01
N LEU A 35 1.47 43.11 -8.51
CA LEU A 35 1.98 43.11 -7.16
C LEU A 35 3.12 44.10 -6.99
N LEU A 36 3.99 44.22 -7.99
CA LEU A 36 5.06 45.21 -7.93
C LEU A 36 4.49 46.62 -7.78
N THR A 37 3.50 46.98 -8.60
CA THR A 37 2.92 48.31 -8.53
C THR A 37 2.22 48.55 -7.19
N ILE A 38 1.46 47.55 -6.72
CA ILE A 38 0.76 47.68 -5.45
C ILE A 38 1.75 47.90 -4.31
N MET A 39 2.82 47.11 -4.28
CA MET A 39 3.79 47.26 -3.21
C MET A 39 4.55 48.57 -3.31
N LEU A 40 4.79 49.07 -4.53
CA LEU A 40 5.39 50.40 -4.67
C LEU A 40 4.49 51.47 -4.08
N SER A 41 3.19 51.42 -4.39
CA SER A 41 2.26 52.40 -3.84
C SER A 41 2.19 52.29 -2.32
N LEU A 42 2.15 51.06 -1.80
CA LEU A 42 2.09 50.86 -0.35
C LEU A 42 3.34 51.41 0.33
N GLY A 43 4.51 51.14 -0.25
CA GLY A 43 5.73 51.70 0.31
C GLY A 43 5.74 53.22 0.27
N CYS A 44 5.17 53.80 -0.79
CA CYS A 44 5.02 55.25 -0.82
C CYS A 44 4.06 55.74 0.25
N THR A 45 3.13 54.89 0.68
CA THR A 45 2.14 55.32 1.66
C THR A 45 2.73 55.48 3.06
N MET A 46 3.59 54.56 3.47
CA MET A 46 3.97 54.39 4.86
C MET A 46 5.30 55.07 5.20
N GLU A 47 5.60 55.11 6.49
CA GLU A 47 6.83 55.70 7.01
C GLU A 47 7.56 54.71 7.92
N PHE A 48 8.89 54.84 7.98
CA PHE A 48 9.72 53.86 8.67
C PHE A 48 9.72 54.05 10.18
N SER A 49 9.59 55.29 10.67
CA SER A 49 9.69 55.53 12.11
C SER A 49 8.57 54.81 12.86
N LYS A 50 7.35 54.85 12.32
CA LYS A 50 6.25 54.15 12.97
C LYS A 50 6.41 52.64 12.85
N ILE A 51 7.06 52.15 11.79
CA ILE A 51 7.39 50.74 11.70
C ILE A 51 8.33 50.33 12.83
N LYS A 52 9.36 51.15 13.06
CA LYS A 52 10.28 50.87 14.17
C LYS A 52 9.56 50.95 15.51
N ALA A 53 8.61 51.88 15.64
CA ALA A 53 7.82 51.97 16.86
C ALA A 53 6.99 50.71 17.07
N HIS A 54 6.42 50.16 16.00
CA HIS A 54 5.70 48.90 16.12
C HIS A 54 6.62 47.77 16.50
N PHE A 55 7.84 47.75 15.93
CA PHE A 55 8.86 46.79 16.38
C PHE A 55 9.23 47.00 17.85
N TRP A 56 9.04 48.21 18.37
CA TRP A 56 9.36 48.45 19.78
C TRP A 56 8.41 47.70 20.70
N ARG A 57 7.13 47.64 20.34
CA ARG A 57 6.10 46.93 21.12
C ARG A 57 5.35 45.96 20.22
N PRO A 58 5.96 44.80 19.91
CA PRO A 58 5.27 43.84 19.04
C PRO A 58 4.17 43.06 19.74
N LYS A 59 3.80 43.47 20.96
CA LYS A 59 2.92 42.66 21.79
C LYS A 59 1.62 42.32 21.07
N GLY A 60 0.93 43.34 20.56
CA GLY A 60 -0.26 43.09 19.77
C GLY A 60 0.04 42.29 18.50
N LEU A 61 1.12 42.66 17.81
CA LEU A 61 1.50 41.94 16.60
C LEU A 61 1.82 40.48 16.90
N ALA A 62 2.63 40.25 17.94
CA ALA A 62 3.02 38.87 18.26
C ALA A 62 1.81 38.04 18.67
N VAL A 63 0.94 38.59 19.53
CA VAL A 63 -0.20 37.81 19.97
C VAL A 63 -1.15 37.54 18.80
N ALA A 64 -1.32 38.52 17.91
CA ALA A 64 -2.18 38.32 16.75
C ALA A 64 -1.62 37.23 15.83
N LEU A 65 -0.31 37.26 15.59
CA LEU A 65 0.30 36.28 14.69
C LEU A 65 0.22 34.88 15.28
N VAL A 66 0.57 34.73 16.55
CA VAL A 66 0.51 33.40 17.16
C VAL A 66 -0.92 32.91 17.24
N ALA A 67 -1.87 33.82 17.50
CA ALA A 67 -3.28 33.42 17.51
C ALA A 67 -3.72 32.94 16.13
N GLN A 68 -3.31 33.64 15.08
CA GLN A 68 -3.68 33.21 13.73
C GLN A 68 -3.11 31.84 13.41
N PHE A 69 -1.81 31.64 13.65
CA PHE A 69 -1.21 30.34 13.40
C PHE A 69 -1.74 29.24 14.31
N GLY A 70 -2.36 29.60 15.43
CA GLY A 70 -2.95 28.59 16.29
C GLY A 70 -4.39 28.26 15.96
N ILE A 71 -5.13 29.21 15.40
CA ILE A 71 -6.55 28.99 15.19
C ILE A 71 -6.83 28.54 13.76
N MET A 72 -6.11 29.08 12.77
CA MET A 72 -6.44 28.77 11.38
C MET A 72 -6.24 27.30 11.04
N PRO A 73 -5.10 26.66 11.34
CA PRO A 73 -5.00 25.22 11.05
C PRO A 73 -5.99 24.38 11.84
N LEU A 74 -6.27 24.75 13.09
CA LEU A 74 -7.24 24.01 13.87
C LEU A 74 -8.64 24.16 13.29
N THR A 75 -8.99 25.36 12.83
CA THR A 75 -10.28 25.55 12.17
C THR A 75 -10.36 24.73 10.89
N ALA A 76 -9.27 24.69 10.11
CA ALA A 76 -9.25 23.88 8.90
C ALA A 76 -9.45 22.41 9.21
N PHE A 77 -8.78 21.91 10.24
CA PHE A 77 -8.93 20.51 10.63
C PHE A 77 -10.37 20.23 11.10
N GLY A 78 -10.94 21.15 11.86
CA GLY A 78 -12.32 20.97 12.30
C GLY A 78 -13.30 20.94 11.14
N LEU A 79 -13.12 21.84 10.18
CA LEU A 79 -13.98 21.84 9.00
C LEU A 79 -13.83 20.55 8.21
N GLY A 80 -12.59 20.08 8.05
CA GLY A 80 -12.38 18.82 7.35
C GLY A 80 -13.05 17.65 8.06
N LYS A 81 -12.95 17.60 9.39
CA LYS A 81 -13.60 16.54 10.14
C LYS A 81 -15.12 16.63 10.01
N PHE A 82 -15.67 17.83 10.08
CA PHE A 82 -17.12 17.97 10.11
C PHE A 82 -17.76 17.72 8.75
N PHE A 83 -17.16 18.22 7.67
CA PHE A 83 -17.78 18.15 6.36
C PHE A 83 -17.37 16.92 5.56
N GLN A 84 -16.63 15.99 6.16
CA GLN A 84 -16.31 14.70 5.55
C GLN A 84 -15.61 14.88 4.20
N LEU A 85 -14.67 15.81 4.13
CA LEU A 85 -13.89 15.98 2.92
C LEU A 85 -12.95 14.80 2.71
N ASN A 86 -12.63 14.54 1.46
CA ASN A 86 -11.70 13.47 1.14
C ASN A 86 -10.28 13.87 1.54
N ASN A 87 -9.34 12.94 1.34
CA ASN A 87 -7.96 13.18 1.78
C ASN A 87 -7.34 14.36 1.05
N VAL A 88 -7.51 14.43 -0.27
CA VAL A 88 -6.90 15.50 -1.04
C VAL A 88 -7.53 16.85 -0.68
N GLU A 89 -8.86 16.88 -0.59
CA GLU A 89 -9.54 18.12 -0.22
C GLU A 89 -9.21 18.54 1.21
N ALA A 90 -9.10 17.58 2.14
CA ALA A 90 -8.71 17.93 3.50
C ALA A 90 -7.30 18.51 3.53
N LEU A 91 -6.38 17.91 2.77
CA LEU A 91 -5.03 18.46 2.68
C LEU A 91 -5.04 19.86 2.09
N ALA A 92 -5.86 20.07 1.06
CA ALA A 92 -5.97 21.39 0.45
C ALA A 92 -6.47 22.43 1.45
N ILE A 93 -7.49 22.06 2.23
CA ILE A 93 -8.00 22.97 3.25
C ILE A 93 -6.93 23.29 4.28
N LEU A 94 -6.20 22.26 4.74
CA LEU A 94 -5.18 22.47 5.74
C LEU A 94 -4.06 23.38 5.23
N ILE A 95 -3.63 23.17 3.99
CA ILE A 95 -2.55 23.98 3.45
C ILE A 95 -3.00 25.41 3.19
N CYS A 96 -4.16 25.58 2.55
CA CYS A 96 -4.63 26.92 2.20
C CYS A 96 -5.00 27.72 3.45
N GLY A 97 -5.51 27.05 4.48
CA GLY A 97 -5.95 27.77 5.67
C GLY A 97 -4.81 28.39 6.46
N CYS A 98 -3.69 27.68 6.60
CA CYS A 98 -2.58 28.13 7.42
C CYS A 98 -1.56 28.96 6.64
N SER A 99 -1.90 29.38 5.43
CA SER A 99 -1.00 30.19 4.65
C SER A 99 -0.90 31.61 5.22
N PRO A 100 0.24 32.27 5.05
CA PRO A 100 0.39 33.63 5.58
C PRO A 100 -0.37 34.65 4.73
N GLY A 101 -0.47 35.85 5.27
CA GLY A 101 -1.16 36.95 4.60
C GLY A 101 -0.55 37.38 3.29
N GLY A 102 -1.39 37.53 2.26
CA GLY A 102 -0.92 37.95 0.96
C GLY A 102 -1.12 39.44 0.69
N ASN A 103 -0.88 39.82 -0.56
CA ASN A 103 -1.03 41.21 -0.97
C ASN A 103 -2.49 41.66 -0.96
N LEU A 104 -3.43 40.69 -1.01
CA LEU A 104 -4.84 41.03 -0.99
C LEU A 104 -5.22 41.72 0.32
N SER A 105 -4.65 41.27 1.43
CA SER A 105 -4.88 41.95 2.71
C SER A 105 -4.36 43.37 2.68
N ASN A 106 -3.21 43.61 2.03
CA ASN A 106 -2.69 44.96 1.91
C ASN A 106 -3.60 45.85 1.07
N VAL A 107 -4.15 45.30 -0.02
CA VAL A 107 -5.08 46.07 -0.83
C VAL A 107 -6.34 46.41 -0.03
N PHE A 108 -6.83 45.44 0.75
CA PHE A 108 -7.98 45.73 1.60
C PHE A 108 -7.64 46.77 2.66
N ALA A 109 -6.41 46.75 3.17
CA ALA A 109 -5.97 47.77 4.12
C ALA A 109 -5.98 49.15 3.46
N LEU A 110 -5.55 49.22 2.20
CA LEU A 110 -5.77 50.44 1.41
C LEU A 110 -7.25 50.81 1.40
N ALA A 111 -8.12 49.83 1.23
CA ALA A 111 -9.55 50.12 1.15
C ALA A 111 -10.06 50.73 2.46
N ILE A 112 -9.63 50.20 3.61
CA ILE A 112 -10.10 50.70 4.90
C ILE A 112 -9.12 51.66 5.55
N LYS A 113 -7.94 51.87 4.96
CA LYS A 113 -6.96 52.87 5.39
C LYS A 113 -6.76 52.88 6.91
N GLY A 114 -6.49 51.70 7.46
CA GLY A 114 -6.23 51.60 8.88
C GLY A 114 -4.89 51.01 9.26
N ASP A 115 -4.01 51.84 9.80
CA ASP A 115 -2.71 51.43 10.36
C ASP A 115 -1.96 50.52 9.38
N MET A 116 -1.59 51.11 8.25
CA MET A 116 -1.11 50.32 7.11
C MET A 116 0.21 49.63 7.40
N ASN A 117 1.15 50.35 8.03
CA ASN A 117 2.47 49.76 8.25
C ASN A 117 2.40 48.59 9.20
N LEU A 118 1.48 48.63 10.17
CA LEU A 118 1.26 47.46 11.00
C LEU A 118 0.84 46.27 10.16
N SER A 119 -0.02 46.51 9.17
CA SER A 119 -0.47 45.42 8.30
C SER A 119 0.69 44.84 7.51
N ILE A 120 1.55 45.69 6.94
CA ILE A 120 2.64 45.16 6.12
C ILE A 120 3.68 44.46 6.99
N VAL A 121 3.94 44.99 8.20
CA VAL A 121 4.87 44.31 9.09
C VAL A 121 4.31 42.96 9.51
N MET A 122 3.01 42.90 9.78
CA MET A 122 2.38 41.64 10.15
C MET A 122 2.47 40.64 9.01
N THR A 123 2.24 41.07 7.76
CA THR A 123 2.28 40.11 6.66
C THR A 123 3.70 39.64 6.39
N THR A 124 4.70 40.52 6.49
CA THR A 124 6.07 40.06 6.24
C THR A 124 6.56 39.15 7.36
N CYS A 125 6.21 39.46 8.61
CA CYS A 125 6.56 38.56 9.71
C CYS A 125 5.85 37.22 9.57
N SER A 126 4.59 37.25 9.12
CA SER A 126 3.86 36.00 8.93
C SER A 126 4.51 35.15 7.86
N THR A 127 4.94 35.76 6.75
CA THR A 127 5.64 35.00 5.72
C THR A 127 6.95 34.42 6.25
N PHE A 128 7.73 35.26 6.95
CA PHE A 128 9.03 34.82 7.44
C PHE A 128 8.90 33.66 8.41
N PHE A 129 7.93 33.73 9.32
CA PHE A 129 7.75 32.62 10.26
C PHE A 129 7.08 31.41 9.60
N ALA A 130 6.16 31.64 8.66
CA ALA A 130 5.54 30.52 7.96
C ALA A 130 6.56 29.72 7.19
N LEU A 131 7.65 30.36 6.74
CA LEU A 131 8.73 29.63 6.09
C LEU A 131 9.20 28.45 6.94
N GLY A 132 9.17 28.59 8.26
CA GLY A 132 9.57 27.52 9.14
C GLY A 132 8.41 26.74 9.73
N MET A 133 7.25 27.39 9.87
CA MET A 133 6.10 26.73 10.48
C MET A 133 5.34 25.84 9.51
N MET A 134 5.52 25.99 8.21
CA MET A 134 4.82 25.10 7.27
C MET A 134 5.14 23.63 7.51
N PRO A 135 6.41 23.20 7.60
CA PRO A 135 6.65 21.80 7.94
C PRO A 135 6.13 21.44 9.32
N LEU A 136 6.23 22.36 10.29
CA LEU A 136 5.79 22.06 11.65
C LEU A 136 4.28 21.87 11.71
N LEU A 137 3.52 22.75 11.06
CA LEU A 137 2.08 22.63 11.10
C LEU A 137 1.57 21.50 10.22
N LEU A 138 2.23 21.26 9.08
CA LEU A 138 1.78 20.20 8.19
C LEU A 138 2.09 18.82 8.75
N TYR A 139 3.25 18.66 9.41
CA TYR A 139 3.59 17.36 9.99
C TYR A 139 2.67 17.01 11.14
N LEU A 140 2.30 17.99 11.96
CA LEU A 140 1.53 17.74 13.17
C LEU A 140 0.04 17.57 12.90
N TYR A 141 -0.54 18.44 12.09
CA TYR A 141 -1.98 18.47 11.90
C TYR A 141 -2.47 17.53 10.80
N SER A 142 -1.58 16.81 10.13
CA SER A 142 -1.96 15.93 9.03
C SER A 142 -1.65 14.48 9.36
N ARG A 143 -1.99 14.06 10.57
CA ARG A 143 -1.89 12.65 10.95
C ARG A 143 -3.13 11.93 10.44
N GLY A 144 -2.94 10.97 9.54
CA GLY A 144 -4.03 10.28 8.91
C GLY A 144 -4.32 10.74 7.49
N ILE A 145 -3.78 11.88 7.09
CA ILE A 145 -3.92 12.40 5.73
C ILE A 145 -2.51 12.62 5.19
N TYR A 146 -2.18 11.95 4.09
CA TYR A 146 -0.84 12.02 3.49
C TYR A 146 0.23 11.59 4.51
N ASP A 147 0.20 10.29 4.81
CA ASP A 147 1.10 9.68 5.79
C ASP A 147 2.56 10.11 5.63
N GLY A 148 2.97 10.52 4.43
CA GLY A 148 4.33 10.98 4.24
C GLY A 148 4.61 12.24 5.05
N SER A 149 5.90 12.50 5.29
CA SER A 149 6.29 13.64 6.11
C SER A 149 6.07 14.96 5.40
N LEU A 150 6.16 14.96 4.06
CA LEU A 150 6.03 16.14 3.20
C LEU A 150 6.74 17.37 3.77
N LYS A 151 7.89 17.17 4.41
CA LYS A 151 8.68 18.29 4.89
C LYS A 151 9.60 18.87 3.84
N ASP A 152 9.78 18.18 2.71
CA ASP A 152 10.60 18.66 1.61
C ASP A 152 9.78 19.14 0.43
N LYS A 153 8.46 18.92 0.44
CA LYS A 153 7.59 19.36 -0.63
C LYS A 153 7.03 20.76 -0.41
N VAL A 154 7.26 21.35 0.76
CA VAL A 154 6.84 22.73 1.00
C VAL A 154 7.73 23.67 0.19
N PRO A 155 7.17 24.56 -0.63
CA PRO A 155 8.02 25.48 -1.40
C PRO A 155 8.84 26.37 -0.48
N TYR A 156 10.08 26.61 -0.88
CA TYR A 156 10.99 27.48 -0.14
C TYR A 156 11.56 28.60 -1.00
N GLY A 157 11.86 28.33 -2.27
CA GLY A 157 12.24 29.40 -3.17
C GLY A 157 11.08 30.35 -3.44
N GLY A 158 9.87 29.81 -3.54
CA GLY A 158 8.72 30.66 -3.77
C GLY A 158 8.46 31.63 -2.63
N ILE A 159 8.64 31.17 -1.39
CA ILE A 159 8.38 32.03 -0.23
C ILE A 159 9.38 33.18 -0.20
N MET A 160 10.67 32.89 -0.43
CA MET A 160 11.66 33.96 -0.43
C MET A 160 11.50 34.89 -1.62
N ILE A 161 11.08 34.35 -2.77
CA ILE A 161 10.79 35.21 -3.92
C ILE A 161 9.65 36.17 -3.60
N SER A 162 8.60 35.65 -2.96
CA SER A 162 7.49 36.51 -2.55
C SER A 162 7.95 37.55 -1.53
N LEU A 163 8.83 37.16 -0.60
CA LEU A 163 9.35 38.09 0.38
C LEU A 163 10.12 39.23 -0.29
N ILE A 164 10.96 38.90 -1.28
CA ILE A 164 11.68 39.94 -2.01
C ILE A 164 10.70 40.82 -2.76
N LEU A 165 9.71 40.21 -3.43
CA LEU A 165 8.76 40.99 -4.22
C LEU A 165 7.85 41.86 -3.37
N ILE A 166 7.71 41.55 -2.08
CA ILE A 166 6.90 42.38 -1.19
C ILE A 166 7.75 43.40 -0.43
N LEU A 167 9.05 43.15 -0.25
CA LEU A 167 9.90 44.11 0.46
C LEU A 167 10.54 45.15 -0.46
N ILE A 168 11.04 44.74 -1.62
CA ILE A 168 11.80 45.67 -2.47
C ILE A 168 10.94 46.85 -2.94
N PRO A 169 9.75 46.66 -3.53
CA PRO A 169 8.96 47.84 -3.91
C PRO A 169 8.56 48.69 -2.71
N CYS A 170 8.26 48.06 -1.58
CA CYS A 170 7.98 48.84 -0.37
C CYS A 170 9.20 49.64 0.04
N THR A 171 10.39 49.05 -0.05
CA THR A 171 11.60 49.75 0.31
C THR A 171 11.82 50.96 -0.59
N ILE A 172 11.67 50.79 -1.90
CA ILE A 172 11.91 51.91 -2.81
C ILE A 172 10.84 52.99 -2.61
N GLY A 173 9.60 52.58 -2.34
CA GLY A 173 8.57 53.57 -2.10
C GLY A 173 8.78 54.37 -0.83
N ILE A 174 9.17 53.68 0.25
CA ILE A 174 9.38 54.38 1.51
C ILE A 174 10.63 55.25 1.45
N ILE A 175 11.63 54.85 0.66
CA ILE A 175 12.80 55.72 0.46
C ILE A 175 12.41 56.95 -0.34
N LEU A 176 11.62 56.76 -1.40
CA LEU A 176 11.22 57.88 -2.24
C LEU A 176 10.37 58.87 -1.46
N LYS A 177 9.42 58.37 -0.66
CA LYS A 177 8.53 59.26 0.07
C LYS A 177 9.27 60.01 1.18
N SER A 178 10.25 59.38 1.81
CA SER A 178 10.98 60.00 2.90
C SER A 178 12.11 60.90 2.43
N LYS A 179 12.37 60.97 1.13
CA LYS A 179 13.42 61.82 0.59
C LYS A 179 12.93 62.78 -0.49
N ARG A 180 11.97 62.36 -1.31
CA ARG A 180 11.38 63.21 -2.35
C ARG A 180 9.87 63.10 -2.25
N PRO A 181 9.26 63.76 -1.26
CA PRO A 181 7.82 63.60 -1.04
C PRO A 181 6.94 64.34 -2.05
N GLN A 182 7.53 65.07 -2.99
CA GLN A 182 6.74 65.86 -3.92
C GLN A 182 6.36 65.11 -5.19
N TYR A 183 7.02 64.00 -5.49
CA TYR A 183 6.76 63.24 -6.70
C TYR A 183 5.94 61.98 -6.46
N VAL A 184 5.46 61.75 -5.24
CA VAL A 184 4.77 60.49 -4.94
C VAL A 184 3.42 60.43 -5.64
N ARG A 185 2.51 61.36 -5.32
CA ARG A 185 1.14 61.28 -5.80
C ARG A 185 1.09 61.10 -7.30
N TYR A 186 1.85 61.93 -8.03
CA TYR A 186 1.96 61.83 -9.47
C TYR A 186 2.13 60.38 -9.91
N VAL A 187 3.22 59.75 -9.50
CA VAL A 187 3.49 58.40 -9.99
C VAL A 187 2.42 57.45 -9.48
N THR A 188 1.93 57.68 -8.26
CA THR A 188 0.82 56.88 -7.75
C THR A 188 -0.35 56.90 -8.71
N LYS A 189 -0.73 58.11 -9.16
CA LYS A 189 -1.83 58.22 -10.11
C LYS A 189 -1.55 57.37 -11.35
N GLY A 190 -0.33 57.45 -11.86
CA GLY A 190 0.02 56.63 -13.01
C GLY A 190 -0.19 55.16 -12.73
N GLY A 191 0.31 54.69 -11.58
CA GLY A 191 0.10 53.31 -11.23
C GLY A 191 -1.37 52.93 -11.32
N ILE A 192 -2.24 53.82 -10.81
CA ILE A 192 -3.66 53.52 -10.78
C ILE A 192 -4.16 53.17 -12.18
N ILE A 193 -3.86 54.03 -13.16
CA ILE A 193 -4.41 53.76 -14.49
C ILE A 193 -3.82 52.48 -15.04
N LEU A 194 -2.53 52.24 -14.79
CA LEU A 194 -1.92 50.99 -15.21
C LEU A 194 -2.67 49.81 -14.61
N LEU A 195 -3.00 49.91 -13.32
CA LEU A 195 -3.78 48.87 -12.66
C LEU A 195 -5.03 48.56 -13.48
N LEU A 196 -5.77 49.61 -13.84
CA LEU A 196 -7.00 49.41 -14.59
C LEU A 196 -6.74 48.55 -15.82
N LEU A 197 -5.73 48.93 -16.61
CA LEU A 197 -5.41 48.13 -17.79
C LEU A 197 -5.12 46.70 -17.40
N CYS A 198 -4.18 46.51 -16.47
CA CYS A 198 -3.84 45.16 -16.04
C CYS A 198 -5.09 44.44 -15.57
N SER A 199 -5.97 45.16 -14.87
CA SER A 199 -7.18 44.54 -14.34
C SER A 199 -7.95 43.83 -15.45
N VAL A 200 -8.24 44.55 -16.53
CA VAL A 200 -9.06 43.92 -17.57
C VAL A 200 -8.32 42.74 -18.17
N ALA A 201 -7.00 42.87 -18.36
CA ALA A 201 -6.22 41.76 -18.85
C ALA A 201 -6.47 40.53 -18.00
N VAL A 202 -6.38 40.69 -16.68
CA VAL A 202 -6.61 39.57 -15.77
C VAL A 202 -7.88 38.84 -16.16
N VAL A 203 -9.00 39.57 -16.20
CA VAL A 203 -10.27 38.87 -16.36
C VAL A 203 -10.30 38.16 -17.70
N VAL A 204 -9.84 38.81 -18.77
CA VAL A 204 -9.93 38.16 -20.07
C VAL A 204 -9.01 36.95 -20.10
N LEU A 205 -7.84 37.07 -19.47
CA LEU A 205 -6.95 35.92 -19.38
C LEU A 205 -7.57 34.81 -18.56
N SER A 206 -8.30 35.18 -17.49
CA SER A 206 -9.03 34.17 -16.74
C SER A 206 -10.01 33.45 -17.63
N ALA A 207 -10.62 34.17 -18.58
CA ALA A 207 -11.51 33.52 -19.53
C ALA A 207 -10.75 32.47 -20.33
N ILE A 208 -9.53 32.78 -20.77
CA ILE A 208 -8.73 31.82 -21.51
C ILE A 208 -8.48 30.57 -20.68
N ASN A 209 -8.50 30.72 -19.36
CA ASN A 209 -8.35 29.59 -18.45
C ASN A 209 -9.56 29.41 -17.55
N VAL A 210 -10.76 29.80 -18.01
CA VAL A 210 -11.94 29.66 -17.18
C VAL A 210 -12.25 28.18 -16.94
N GLY A 211 -12.05 27.35 -17.96
CA GLY A 211 -12.39 25.93 -17.84
C GLY A 211 -13.86 25.75 -17.52
N LYS A 212 -14.14 24.78 -16.65
CA LYS A 212 -15.49 24.52 -16.15
C LYS A 212 -15.40 24.54 -14.63
N SER A 213 -15.54 25.73 -14.04
CA SER A 213 -15.48 25.85 -12.60
C SER A 213 -16.73 25.30 -11.92
N ILE A 214 -17.85 25.22 -12.63
CA ILE A 214 -19.06 24.68 -12.04
C ILE A 214 -18.89 23.19 -11.72
N LEU A 215 -18.15 22.47 -12.57
CA LEU A 215 -17.92 21.05 -12.33
C LEU A 215 -17.17 20.83 -11.02
N PHE A 216 -16.19 21.68 -10.73
CA PHE A 216 -15.46 21.57 -9.47
C PHE A 216 -16.36 21.83 -8.28
N VAL A 217 -17.25 22.82 -8.37
CA VAL A 217 -18.02 23.24 -7.21
C VAL A 217 -18.96 22.12 -6.79
N MET A 218 -18.63 21.44 -5.69
CA MET A 218 -19.53 20.54 -5.00
C MET A 218 -20.21 21.39 -3.93
N THR A 219 -21.48 21.72 -4.16
CA THR A 219 -22.14 22.79 -3.41
C THR A 219 -21.97 22.67 -1.89
N PRO A 220 -22.39 21.58 -1.22
CA PRO A 220 -22.47 21.65 0.24
C PRO A 220 -21.12 21.85 0.90
N HIS A 221 -20.19 20.91 0.70
CA HIS A 221 -18.94 20.92 1.46
C HIS A 221 -18.05 22.09 1.02
N LEU A 222 -17.83 22.23 -0.28
CA LEU A 222 -16.94 23.28 -0.77
C LEU A 222 -17.51 24.66 -0.48
N LEU A 223 -18.80 24.87 -0.77
CA LEU A 223 -19.41 26.17 -0.53
C LEU A 223 -19.41 26.51 0.95
N ALA A 224 -19.75 25.55 1.82
CA ALA A 224 -19.75 25.84 3.25
C ALA A 224 -18.35 26.15 3.75
N THR A 225 -17.35 25.37 3.32
CA THR A 225 -15.99 25.63 3.79
C THR A 225 -15.51 27.00 3.33
N SER A 226 -15.77 27.36 2.07
CA SER A 226 -15.39 28.68 1.59
C SER A 226 -16.14 29.78 2.35
N SER A 227 -17.43 29.56 2.63
CA SER A 227 -18.21 30.57 3.32
C SER A 227 -17.69 30.80 4.73
N LEU A 228 -17.32 29.74 5.44
CA LEU A 228 -16.96 29.90 6.84
C LEU A 228 -15.51 30.35 7.01
N MET A 229 -14.58 29.75 6.27
CA MET A 229 -13.17 29.89 6.64
C MET A 229 -12.67 31.33 6.63
N PRO A 230 -12.80 32.11 5.53
CA PRO A 230 -12.46 33.54 5.66
C PRO A 230 -13.33 34.27 6.68
N PHE A 231 -14.62 33.93 6.76
CA PHE A 231 -15.49 34.57 7.74
C PHE A 231 -15.05 34.23 9.15
N ILE A 232 -14.69 32.96 9.39
CA ILE A 232 -14.20 32.57 10.71
C ILE A 232 -12.93 33.33 11.03
N GLY A 233 -12.01 33.44 10.07
CA GLY A 233 -10.80 34.19 10.33
C GLY A 233 -11.07 35.64 10.69
N PHE A 234 -11.92 36.31 9.90
CA PHE A 234 -12.26 37.70 10.18
C PHE A 234 -12.86 37.85 11.57
N LEU A 235 -13.90 37.06 11.86
CA LEU A 235 -14.62 37.22 13.11
C LEU A 235 -13.74 36.93 14.32
N LEU A 236 -12.98 35.83 14.26
CA LEU A 236 -12.17 35.46 15.41
C LEU A 236 -11.00 36.43 15.61
N GLY A 237 -10.40 36.90 14.52
CA GLY A 237 -9.39 37.93 14.66
C GLY A 237 -9.93 39.20 15.27
N TYR A 238 -11.11 39.64 14.84
CA TYR A 238 -11.72 40.84 15.41
C TYR A 238 -12.01 40.64 16.89
N LEU A 239 -12.58 39.50 17.26
CA LEU A 239 -12.89 39.25 18.67
C LEU A 239 -11.63 39.24 19.53
N LEU A 240 -10.58 38.56 19.05
CA LEU A 240 -9.37 38.46 19.87
C LEU A 240 -8.65 39.80 19.94
N SER A 241 -8.71 40.59 18.87
CA SER A 241 -8.15 41.94 18.93
C SER A 241 -8.91 42.81 19.91
N ALA A 242 -10.24 42.69 19.93
CA ALA A 242 -11.04 43.47 20.88
C ALA A 242 -10.75 43.05 22.32
N LEU A 243 -10.57 41.76 22.55
CA LEU A 243 -10.33 41.28 23.92
C LEU A 243 -9.03 41.81 24.49
N PHE A 244 -7.97 41.88 23.67
CA PHE A 244 -6.66 42.28 24.15
C PHE A 244 -6.46 43.80 24.12
N CYS A 245 -7.54 44.58 24.09
CA CYS A 245 -7.49 46.03 24.19
C CYS A 245 -6.61 46.64 23.09
N LEU A 246 -7.04 46.46 21.86
CA LEU A 246 -6.35 47.00 20.69
C LEU A 246 -7.10 48.20 20.13
N ASN A 247 -6.37 49.05 19.41
CA ASN A 247 -6.96 50.23 18.81
C ASN A 247 -7.93 49.84 17.70
N GLY A 248 -8.85 50.75 17.39
CA GLY A 248 -9.86 50.46 16.38
C GLY A 248 -9.25 50.18 15.02
N ARG A 249 -8.33 51.04 14.57
CA ARG A 249 -7.61 50.77 13.33
C ARG A 249 -6.80 49.49 13.45
N CYS A 250 -6.14 49.30 14.59
CA CYS A 250 -5.41 48.05 14.83
C CYS A 250 -6.35 46.86 14.80
N LYS A 251 -7.53 47.00 15.43
CA LYS A 251 -8.50 45.91 15.43
C LYS A 251 -8.88 45.53 14.01
N ARG A 252 -9.25 46.52 13.19
CA ARG A 252 -9.66 46.24 11.81
C ARG A 252 -8.53 45.59 11.03
N THR A 253 -7.33 46.17 11.09
CA THR A 253 -6.24 45.66 10.26
C THR A 253 -5.83 44.25 10.69
N VAL A 254 -5.81 43.98 12.00
CA VAL A 254 -5.46 42.64 12.47
C VAL A 254 -6.51 41.63 12.06
N SER A 255 -7.78 41.95 12.27
CA SER A 255 -8.84 41.00 11.90
C SER A 255 -8.80 40.70 10.42
N MET A 256 -8.63 41.72 9.60
CA MET A 256 -8.64 41.58 8.15
C MET A 256 -7.36 40.96 7.61
N GLU A 257 -6.25 41.06 8.33
CA GLU A 257 -5.05 40.33 7.93
C GLU A 257 -5.17 38.86 8.27
N THR A 258 -5.68 38.54 9.46
CA THR A 258 -5.83 37.14 9.85
C THR A 258 -6.87 36.43 8.99
N GLY A 259 -7.94 37.13 8.61
CA GLY A 259 -8.96 36.50 7.78
C GLY A 259 -8.45 36.09 6.41
N CYS A 260 -7.66 36.95 5.77
CA CYS A 260 -7.11 36.64 4.47
C CYS A 260 -5.91 35.72 4.58
N ALA A 261 -5.55 35.11 3.45
CA ALA A 261 -4.41 34.20 3.39
C ALA A 261 -3.81 34.27 1.99
N ASN A 262 -2.94 33.32 1.68
CA ASN A 262 -2.28 33.26 0.38
C ASN A 262 -2.64 31.91 -0.25
N ILE A 263 -2.75 31.92 -1.59
CA ILE A 263 -3.20 30.74 -2.31
C ILE A 263 -2.14 30.20 -3.27
N GLN A 264 -1.09 30.97 -3.56
CA GLN A 264 -0.09 30.52 -4.53
C GLN A 264 0.65 29.30 -4.03
N LEU A 265 1.17 29.35 -2.79
CA LEU A 265 1.93 28.24 -2.25
C LEU A 265 1.05 27.00 -2.10
N CYS A 266 -0.23 27.20 -1.75
CA CYS A 266 -1.15 26.10 -1.62
C CYS A 266 -1.30 25.37 -2.95
N SER A 267 -1.51 26.13 -4.04
CA SER A 267 -1.62 25.53 -5.36
C SER A 267 -0.33 24.83 -5.77
N THR A 268 0.82 25.46 -5.52
CA THR A 268 2.09 24.86 -5.94
C THR A 268 2.35 23.55 -5.21
N ILE A 269 2.10 23.53 -3.89
CA ILE A 269 2.36 22.30 -3.13
C ILE A 269 1.37 21.21 -3.53
N LEU A 270 0.11 21.58 -3.80
CA LEU A 270 -0.84 20.59 -4.28
C LEU A 270 -0.41 20.01 -5.63
N ASN A 271 0.08 20.87 -6.52
CA ASN A 271 0.53 20.39 -7.83
C ASN A 271 1.74 19.47 -7.68
N VAL A 272 2.70 19.83 -6.84
CA VAL A 272 3.92 19.02 -6.74
C VAL A 272 3.66 17.70 -6.04
N THR A 273 2.76 17.68 -5.04
CA THR A 273 2.59 16.45 -4.27
C THR A 273 1.77 15.39 -5.01
N PHE A 274 0.85 15.80 -5.89
CA PHE A 274 -0.11 14.88 -6.46
C PHE A 274 -0.12 14.98 -7.99
N PRO A 275 -0.44 13.89 -8.67
CA PRO A 275 -0.57 13.96 -10.12
C PRO A 275 -1.80 14.74 -10.52
N PRO A 276 -1.81 15.34 -11.72
CA PRO A 276 -2.94 16.22 -12.08
C PRO A 276 -4.29 15.52 -12.14
N GLU A 277 -4.33 14.23 -12.50
CA GLU A 277 -5.60 13.55 -12.62
C GLU A 277 -6.31 13.42 -11.28
N VAL A 278 -5.55 13.15 -10.21
CA VAL A 278 -6.15 13.06 -8.88
C VAL A 278 -6.69 14.41 -8.42
N ILE A 279 -6.01 15.50 -8.78
CA ILE A 279 -6.37 16.84 -8.29
C ILE A 279 -6.97 17.66 -9.41
N GLY A 280 -7.70 17.01 -10.32
CA GLY A 280 -8.31 17.68 -11.44
C GLY A 280 -9.11 18.91 -11.07
N PRO A 281 -10.26 18.71 -10.44
CA PRO A 281 -11.06 19.88 -10.01
C PRO A 281 -10.36 20.78 -9.01
N LEU A 282 -9.49 20.23 -8.17
CA LEU A 282 -8.87 21.02 -7.10
C LEU A 282 -8.01 22.15 -7.65
N PHE A 283 -7.56 22.07 -8.90
CA PHE A 283 -6.83 23.18 -9.50
C PHE A 283 -7.64 24.46 -9.50
N PHE A 284 -8.97 24.36 -9.48
CA PHE A 284 -9.84 25.52 -9.44
C PHE A 284 -10.20 25.94 -8.02
N PHE A 285 -9.77 25.17 -7.01
CA PHE A 285 -10.08 25.54 -5.63
C PHE A 285 -9.46 26.86 -5.20
N PRO A 286 -8.15 27.09 -5.35
CA PRO A 286 -7.60 28.37 -4.86
C PRO A 286 -8.22 29.57 -5.54
N LEU A 287 -8.40 29.52 -6.87
CA LEU A 287 -9.04 30.62 -7.58
C LEU A 287 -10.41 30.93 -6.98
N LEU A 288 -11.25 29.90 -6.87
CA LEU A 288 -12.53 30.07 -6.18
C LEU A 288 -12.32 30.68 -4.80
N TYR A 289 -11.37 30.15 -4.05
CA TYR A 289 -11.05 30.73 -2.74
C TYR A 289 -10.83 32.23 -2.86
N MET A 290 -9.97 32.63 -3.80
CA MET A 290 -9.76 34.06 -4.02
C MET A 290 -11.08 34.74 -4.35
N ILE A 291 -11.80 34.21 -5.34
CA ILE A 291 -13.04 34.86 -5.78
C ILE A 291 -14.08 34.88 -4.69
N PHE A 292 -13.83 34.20 -3.56
CA PHE A 292 -14.76 34.36 -2.46
C PHE A 292 -14.28 35.39 -1.45
N GLN A 293 -12.98 35.38 -1.11
CA GLN A 293 -12.52 36.27 -0.04
C GLN A 293 -12.69 37.73 -0.44
N VAL A 294 -12.33 38.08 -1.67
CA VAL A 294 -12.64 39.41 -2.19
C VAL A 294 -14.13 39.66 -2.09
N GLY A 295 -14.94 38.69 -2.52
CA GLY A 295 -16.38 38.84 -2.44
C GLY A 295 -16.87 39.09 -1.03
N GLU A 296 -16.10 38.68 -0.02
CA GLU A 296 -16.40 39.06 1.34
C GLU A 296 -15.72 40.38 1.71
N GLY A 297 -14.44 40.52 1.35
CA GLY A 297 -13.64 41.66 1.76
C GLY A 297 -14.30 43.00 1.49
N LEU A 298 -14.50 43.30 0.20
CA LEU A 298 -15.15 44.55 -0.17
C LEU A 298 -16.49 44.71 0.54
N LEU A 299 -17.21 43.60 0.71
CA LEU A 299 -18.51 43.66 1.39
C LEU A 299 -18.35 44.24 2.79
N LEU A 300 -17.36 43.76 3.54
CA LEU A 300 -17.11 44.32 4.86
C LEU A 300 -16.81 45.81 4.76
N VAL A 301 -16.01 46.21 3.75
CA VAL A 301 -15.74 47.62 3.53
C VAL A 301 -17.05 48.37 3.31
N ALA A 302 -17.96 47.80 2.52
CA ALA A 302 -19.25 48.44 2.30
C ALA A 302 -19.99 48.62 3.62
N ILE A 303 -19.85 47.68 4.55
CA ILE A 303 -20.42 47.87 5.88
C ILE A 303 -19.66 48.95 6.64
N PHE A 304 -18.34 48.92 6.57
CA PHE A 304 -17.52 49.77 7.42
C PHE A 304 -17.82 51.24 7.19
N ARG A 305 -17.95 51.65 5.92
CA ARG A 305 -18.30 53.03 5.62
C ARG A 305 -19.60 53.42 6.30
N CYS A 306 -20.62 52.55 6.22
CA CYS A 306 -21.86 52.83 6.91
C CYS A 306 -21.62 52.97 8.41
N TYR A 307 -20.75 52.13 8.97
CA TYR A 307 -20.44 52.22 10.40
C TYR A 307 -19.85 53.57 10.77
N GLU A 308 -19.18 54.23 9.83
CA GLU A 308 -18.65 55.57 10.07
C GLU A 308 -19.52 56.66 9.49
N LYS A 309 -20.60 56.31 8.78
CA LYS A 309 -21.51 57.33 8.28
C LYS A 309 -22.41 57.90 9.35
N PHE A 310 -22.82 57.07 10.31
CA PHE A 310 -23.73 57.50 11.37
C PHE A 310 -22.95 57.94 12.60
N GLU B 1 -8.12 -4.30 -20.87
CA GLU B 1 -8.02 -3.84 -19.50
C GLU B 1 -6.58 -3.88 -19.00
N VAL B 2 -6.36 -3.37 -17.80
CA VAL B 2 -5.02 -3.22 -17.24
C VAL B 2 -4.47 -4.57 -16.82
N GLN B 3 -3.21 -4.80 -17.11
CA GLN B 3 -2.51 -6.02 -16.72
C GLN B 3 -1.07 -5.70 -16.33
N LEU B 4 -0.53 -6.51 -15.43
CA LEU B 4 0.81 -6.32 -14.91
C LEU B 4 1.70 -7.47 -15.38
N GLN B 5 2.91 -7.16 -15.83
CA GLN B 5 3.83 -8.15 -16.34
C GLN B 5 5.05 -8.23 -15.42
N GLN B 6 5.47 -9.44 -15.10
CA GLN B 6 6.62 -9.67 -14.23
C GLN B 6 7.78 -10.25 -15.01
N SER B 7 8.97 -10.14 -14.43
CA SER B 7 10.18 -10.61 -15.09
C SER B 7 10.16 -12.13 -15.29
N GLY B 8 9.78 -12.87 -14.26
CA GLY B 8 9.75 -14.31 -14.33
C GLY B 8 10.58 -14.96 -13.24
N PRO B 9 10.64 -16.30 -13.26
CA PRO B 9 11.41 -17.00 -12.22
C PRO B 9 12.89 -16.65 -12.26
N GLU B 10 13.51 -16.66 -11.10
CA GLU B 10 14.92 -16.26 -11.00
C GLU B 10 15.61 -17.06 -9.90
N LEU B 11 16.77 -17.62 -10.25
CA LEU B 11 17.66 -18.29 -9.31
C LEU B 11 18.88 -17.42 -9.11
N VAL B 12 19.34 -17.30 -7.86
CA VAL B 12 20.48 -16.44 -7.55
C VAL B 12 21.29 -17.06 -6.42
N LYS B 13 22.61 -16.92 -6.51
CA LYS B 13 23.50 -17.34 -5.44
C LYS B 13 23.32 -16.43 -4.23
N PRO B 14 23.73 -16.88 -3.04
CA PRO B 14 23.57 -16.04 -1.84
C PRO B 14 24.38 -14.75 -1.86
N GLY B 15 25.08 -14.44 -2.95
CA GLY B 15 25.80 -13.19 -3.07
C GLY B 15 24.94 -11.98 -3.38
N ALA B 16 23.61 -12.15 -3.41
CA ALA B 16 22.64 -11.06 -3.54
C ALA B 16 22.76 -10.35 -4.88
N SER B 17 22.45 -9.05 -4.90
CA SER B 17 22.45 -8.23 -6.11
C SER B 17 21.49 -8.79 -7.16
N VAL B 18 20.21 -8.79 -6.81
CA VAL B 18 19.16 -9.27 -7.69
C VAL B 18 18.20 -8.12 -8.00
N LYS B 19 17.57 -8.19 -9.17
CA LYS B 19 16.67 -7.14 -9.63
C LYS B 19 15.37 -7.76 -10.12
N MET B 20 14.26 -7.10 -9.81
CA MET B 20 12.93 -7.51 -10.24
C MET B 20 12.29 -6.35 -11.01
N SER B 21 11.68 -6.67 -12.15
CA SER B 21 11.04 -5.67 -13.00
C SER B 21 9.56 -5.99 -13.11
N CYS B 22 8.72 -4.96 -12.90
CA CYS B 22 7.28 -5.08 -13.05
C CYS B 22 6.80 -4.00 -14.00
N LYS B 23 6.26 -4.40 -15.14
CA LYS B 23 5.83 -3.48 -16.18
C LYS B 23 4.31 -3.34 -16.17
N ALA B 24 3.82 -2.13 -16.41
CA ALA B 24 2.40 -1.83 -16.40
C ALA B 24 2.09 -0.89 -17.56
N SER B 25 1.42 -1.40 -18.60
CA SER B 25 0.95 -0.58 -19.70
C SER B 25 -0.52 -0.90 -19.94
N GLY B 26 -1.39 -0.28 -19.14
CA GLY B 26 -2.82 -0.36 -19.36
C GLY B 26 -3.53 0.91 -18.97
N TYR B 27 -2.76 1.90 -18.54
CA TYR B 27 -3.30 3.10 -17.90
C TYR B 27 -2.16 4.12 -17.78
N THR B 28 -2.44 5.23 -17.11
CA THR B 28 -1.42 6.25 -16.85
C THR B 28 -0.59 5.81 -15.65
N PHE B 29 0.71 5.62 -15.87
CA PHE B 29 1.56 5.00 -14.85
C PHE B 29 1.63 5.84 -13.58
N THR B 30 1.76 7.16 -13.73
CA THR B 30 1.99 8.02 -12.57
C THR B 30 0.76 8.21 -11.70
N SER B 31 -0.44 7.90 -12.21
CA SER B 31 -1.65 8.14 -11.44
C SER B 31 -1.85 7.14 -10.31
N TYR B 32 -1.21 5.97 -10.39
CA TYR B 32 -1.35 4.92 -9.40
C TYR B 32 0.02 4.55 -8.85
N ILE B 33 0.03 4.02 -7.63
CA ILE B 33 1.27 3.62 -6.99
C ILE B 33 1.38 2.11 -7.03
N ILE B 34 2.60 1.62 -6.87
CA ILE B 34 2.91 0.20 -7.00
C ILE B 34 3.44 -0.32 -5.68
N HIS B 35 2.77 -1.33 -5.13
CA HIS B 35 3.18 -2.00 -3.92
C HIS B 35 3.83 -3.33 -4.24
N TRP B 36 4.73 -3.78 -3.38
CA TRP B 36 5.39 -5.07 -3.53
C TRP B 36 5.04 -5.95 -2.34
N VAL B 37 4.58 -7.16 -2.62
CA VAL B 37 4.12 -8.09 -1.60
C VAL B 37 4.95 -9.36 -1.68
N LYS B 38 5.43 -9.82 -0.53
CA LYS B 38 6.25 -11.02 -0.43
C LYS B 38 5.43 -12.16 0.17
N GLN B 39 5.54 -13.35 -0.41
CA GLN B 39 4.83 -14.52 0.07
C GLN B 39 5.80 -15.69 0.12
N LYS B 40 6.15 -16.13 1.32
CA LYS B 40 6.85 -17.39 1.45
C LYS B 40 5.88 -18.53 1.17
N PRO B 41 6.38 -19.68 0.70
CA PRO B 41 5.48 -20.77 0.34
C PRO B 41 4.81 -21.40 1.56
N GLY B 42 3.53 -21.11 1.75
CA GLY B 42 2.77 -21.66 2.84
C GLY B 42 2.69 -20.82 4.10
N GLN B 43 3.12 -19.56 4.06
CA GLN B 43 3.07 -18.70 5.22
C GLN B 43 2.35 -17.38 5.00
N GLY B 44 1.60 -17.24 3.92
CA GLY B 44 0.75 -16.07 3.74
C GLY B 44 1.47 -14.87 3.15
N LEU B 45 0.68 -13.86 2.83
CA LEU B 45 1.20 -12.64 2.23
C LEU B 45 1.93 -11.78 3.26
N GLU B 46 2.84 -10.94 2.76
CA GLU B 46 3.59 -10.03 3.59
C GLU B 46 3.92 -8.79 2.78
N TRP B 47 3.62 -7.62 3.33
CA TRP B 47 3.85 -6.36 2.63
C TRP B 47 5.29 -5.93 2.77
N ILE B 48 5.80 -5.27 1.74
CA ILE B 48 7.17 -4.78 1.73
C ILE B 48 7.19 -3.26 1.71
N GLY B 49 6.57 -2.68 0.69
CA GLY B 49 6.52 -1.24 0.57
C GLY B 49 5.98 -0.85 -0.78
N TYR B 50 5.69 0.44 -0.92
CA TYR B 50 5.14 0.96 -2.16
C TYR B 50 6.00 2.11 -2.67
N ILE B 51 5.82 2.40 -3.96
CA ILE B 51 6.48 3.50 -4.64
C ILE B 51 5.45 4.28 -5.45
N ASN B 52 5.51 5.60 -5.33
CA ASN B 52 4.73 6.52 -6.14
C ASN B 52 5.61 7.01 -7.27
N PRO B 53 5.34 6.63 -8.52
CA PRO B 53 6.21 7.04 -9.62
C PRO B 53 6.11 8.50 -9.98
N TYR B 54 5.06 9.20 -9.54
CA TYR B 54 4.92 10.61 -9.88
C TYR B 54 6.02 11.44 -9.24
N ASN B 55 6.07 11.46 -7.91
CA ASN B 55 7.12 12.16 -7.18
C ASN B 55 8.25 11.23 -6.74
N ASP B 56 8.25 9.98 -7.19
CA ASP B 56 9.21 8.97 -6.78
C ASP B 56 9.26 8.88 -5.25
N GLY B 57 8.08 8.66 -4.66
CA GLY B 57 8.00 8.57 -3.21
C GLY B 57 7.91 7.14 -2.73
N THR B 58 8.92 6.67 -2.03
CA THR B 58 9.01 5.27 -1.61
C THR B 58 8.78 5.16 -0.12
N LYS B 59 7.89 4.26 0.28
CA LYS B 59 7.64 3.95 1.68
C LYS B 59 7.89 2.46 1.90
N TYR B 60 8.63 2.15 2.95
CA TYR B 60 9.08 0.79 3.23
C TYR B 60 8.54 0.31 4.56
N ASN B 61 8.33 -1.00 4.66
CA ASN B 61 8.00 -1.60 5.94
C ASN B 61 9.23 -1.65 6.83
N GLU B 62 8.99 -1.75 8.14
CA GLU B 62 10.09 -1.75 9.10
C GLU B 62 10.97 -2.98 8.93
N LYS B 63 10.37 -4.13 8.63
CA LYS B 63 11.13 -5.36 8.49
C LYS B 63 12.04 -5.33 7.27
N PHE B 64 11.58 -4.72 6.19
CA PHE B 64 12.31 -4.71 4.93
C PHE B 64 12.98 -3.38 4.64
N LYS B 65 13.12 -2.52 5.65
CA LYS B 65 13.74 -1.21 5.44
C LYS B 65 15.20 -1.35 5.01
N GLY B 66 15.94 -2.26 5.65
CA GLY B 66 17.34 -2.41 5.34
C GLY B 66 17.60 -3.00 3.96
N LYS B 67 16.78 -3.96 3.55
CA LYS B 67 17.04 -4.73 2.34
C LYS B 67 16.34 -4.16 1.11
N GLY B 68 15.06 -3.80 1.23
CA GLY B 68 14.30 -3.40 0.06
C GLY B 68 14.81 -2.09 -0.53
N THR B 69 14.65 -1.96 -1.85
CA THR B 69 15.00 -0.74 -2.56
C THR B 69 14.13 -0.65 -3.81
N LEU B 70 13.23 0.33 -3.85
CA LEU B 70 12.24 0.45 -4.91
C LEU B 70 12.55 1.67 -5.77
N THR B 71 12.55 1.49 -7.08
CA THR B 71 12.75 2.57 -8.03
C THR B 71 11.70 2.46 -9.14
N SER B 72 11.55 3.53 -9.90
CA SER B 72 10.57 3.57 -10.98
C SER B 72 11.18 4.17 -12.24
N ASP B 73 10.57 3.86 -13.38
CA ASP B 73 10.98 4.40 -14.67
C ASP B 73 9.73 4.82 -15.42
N LYS B 74 9.57 6.14 -15.63
CA LYS B 74 8.43 6.66 -16.36
C LYS B 74 8.49 6.31 -17.85
N SER B 75 9.67 6.38 -18.45
CA SER B 75 9.79 6.13 -19.88
C SER B 75 9.40 4.70 -20.22
N SER B 76 9.84 3.74 -19.42
CA SER B 76 9.44 2.35 -19.60
C SER B 76 8.16 1.99 -18.86
N SER B 77 7.63 2.91 -18.05
CA SER B 77 6.42 2.69 -17.26
C SER B 77 6.54 1.43 -16.41
N THR B 78 7.66 1.30 -15.71
CA THR B 78 7.97 0.09 -14.97
C THR B 78 8.48 0.42 -13.58
N ALA B 79 8.52 -0.60 -12.73
CA ALA B 79 9.01 -0.48 -11.36
C ALA B 79 10.05 -1.56 -11.10
N TYR B 80 11.16 -1.17 -10.49
CA TYR B 80 12.26 -2.08 -10.19
C TYR B 80 12.39 -2.24 -8.68
N MET B 81 12.73 -3.47 -8.27
CA MET B 81 12.98 -3.79 -6.87
C MET B 81 14.34 -4.47 -6.76
N GLU B 82 15.14 -4.01 -5.80
CA GLU B 82 16.44 -4.59 -5.52
C GLU B 82 16.55 -4.87 -4.03
N LEU B 83 17.18 -5.99 -3.68
CA LEU B 83 17.33 -6.41 -2.29
C LEU B 83 18.74 -6.30 -1.78
N SER B 84 19.74 -6.70 -2.57
CA SER B 84 21.16 -6.59 -2.25
C SER B 84 21.55 -7.30 -0.96
N SER B 85 20.67 -8.14 -0.41
CA SER B 85 21.01 -8.92 0.78
C SER B 85 20.10 -10.13 0.79
N LEU B 86 20.64 -11.29 0.39
CA LEU B 86 19.85 -12.50 0.26
C LEU B 86 20.46 -13.63 1.09
N THR B 87 19.59 -14.43 1.69
CA THR B 87 19.97 -15.61 2.44
C THR B 87 19.16 -16.79 1.91
N SER B 88 19.44 -17.98 2.44
CA SER B 88 18.78 -19.19 1.97
C SER B 88 17.27 -19.17 2.22
N GLU B 89 16.80 -18.34 3.14
CA GLU B 89 15.39 -18.24 3.49
C GLU B 89 14.63 -17.22 2.65
N ASP B 90 15.31 -16.50 1.77
CA ASP B 90 14.67 -15.43 1.01
C ASP B 90 13.95 -15.91 -0.23
N SER B 91 13.96 -17.21 -0.52
CA SER B 91 13.24 -17.73 -1.66
C SER B 91 11.74 -17.61 -1.43
N ALA B 92 11.05 -16.87 -2.29
CA ALA B 92 9.63 -16.60 -2.11
C ALA B 92 9.06 -16.06 -3.41
N VAL B 93 7.75 -15.82 -3.41
CA VAL B 93 7.05 -15.27 -4.56
C VAL B 93 6.75 -13.80 -4.27
N TYR B 94 7.13 -12.93 -5.19
CA TYR B 94 6.93 -11.50 -5.04
C TYR B 94 5.95 -11.01 -6.09
N TYR B 95 4.94 -10.26 -5.64
CA TYR B 95 3.89 -9.72 -6.49
C TYR B 95 3.96 -8.21 -6.49
N CYS B 96 3.73 -7.61 -7.65
CA CYS B 96 3.56 -6.16 -7.77
C CYS B 96 2.09 -5.85 -7.98
N ALA B 97 1.55 -4.98 -7.13
CA ALA B 97 0.14 -4.64 -7.15
C ALA B 97 -0.03 -3.16 -7.39
N ARG B 98 -1.10 -2.80 -8.10
CA ARG B 98 -1.41 -1.42 -8.43
C ARG B 98 -2.52 -0.91 -7.52
N SER B 99 -2.29 0.23 -6.88
CA SER B 99 -3.30 0.79 -5.98
C SER B 99 -3.44 2.28 -6.22
N TYR B 100 -4.67 2.75 -6.11
CA TYR B 100 -4.95 4.18 -6.21
C TYR B 100 -4.47 4.90 -4.97
N TYR B 101 -3.99 6.13 -5.15
CA TYR B 101 -3.37 6.86 -4.04
C TYR B 101 -3.80 8.33 -4.13
N ASP B 102 -4.86 8.67 -3.41
CA ASP B 102 -5.18 10.08 -3.23
C ASP B 102 -4.37 10.69 -2.10
N GLY B 103 -4.57 10.20 -0.87
CA GLY B 103 -3.69 10.53 0.23
C GLY B 103 -3.22 9.30 0.98
N ILE B 104 -3.96 8.21 0.83
CA ILE B 104 -3.69 6.95 1.50
C ILE B 104 -3.99 5.82 0.52
N PRO B 105 -3.10 4.82 0.37
CA PRO B 105 -3.39 3.72 -0.56
C PRO B 105 -4.67 2.99 -0.19
N HIS B 106 -5.55 2.83 -1.17
CA HIS B 106 -6.87 2.29 -0.90
C HIS B 106 -6.86 0.77 -0.82
N TYR B 107 -6.54 0.12 -1.94
CA TYR B 107 -6.55 -1.34 -1.99
C TYR B 107 -5.84 -1.78 -3.26
N PHE B 108 -5.38 -3.04 -3.26
CA PHE B 108 -4.69 -3.62 -4.41
C PHE B 108 -5.74 -4.18 -5.35
N ASP B 109 -6.22 -3.34 -6.26
CA ASP B 109 -7.28 -3.72 -7.18
C ASP B 109 -6.78 -4.55 -8.38
N TYR B 110 -5.48 -4.56 -8.65
CA TYR B 110 -4.92 -5.38 -9.72
C TYR B 110 -3.54 -5.86 -9.30
N TRP B 111 -3.23 -7.11 -9.64
CA TRP B 111 -2.01 -7.77 -9.22
C TRP B 111 -1.24 -8.29 -10.43
N GLY B 112 0.06 -8.48 -10.23
CA GLY B 112 0.89 -9.09 -11.25
C GLY B 112 0.84 -10.60 -11.21
N GLN B 113 1.46 -11.22 -12.21
CA GLN B 113 1.52 -12.67 -12.28
C GLN B 113 2.42 -13.26 -11.20
N GLY B 114 3.27 -12.45 -10.58
CA GLY B 114 4.14 -12.91 -9.52
C GLY B 114 5.40 -13.58 -10.04
N THR B 115 6.54 -13.21 -9.46
CA THR B 115 7.83 -13.79 -9.84
C THR B 115 8.41 -14.53 -8.65
N THR B 116 8.91 -15.73 -8.89
CA THR B 116 9.48 -16.57 -7.83
C THR B 116 11.00 -16.42 -7.84
N LEU B 117 11.57 -16.18 -6.66
CA LEU B 117 13.00 -16.00 -6.51
C LEU B 117 13.53 -17.07 -5.56
N THR B 118 14.61 -17.73 -5.96
CA THR B 118 15.24 -18.78 -5.17
C THR B 118 16.69 -18.40 -4.89
N VAL B 119 17.12 -18.65 -3.65
CA VAL B 119 18.49 -18.41 -3.22
C VAL B 119 19.06 -19.72 -2.71
N SER B 120 20.15 -20.18 -3.32
CA SER B 120 20.81 -21.41 -2.92
C SER B 120 22.19 -21.44 -3.57
N SER B 121 22.96 -22.47 -3.24
CA SER B 121 24.30 -22.64 -3.80
C SER B 121 24.28 -23.15 -5.24
N ALA B 122 23.11 -23.51 -5.75
CA ALA B 122 22.92 -24.01 -7.12
C ALA B 122 23.74 -25.28 -7.28
N LYS B 123 24.65 -25.38 -8.24
CA LYS B 123 25.38 -26.62 -8.54
C LYS B 123 24.39 -27.77 -8.76
N THR B 124 23.56 -27.61 -9.78
CA THR B 124 22.53 -28.60 -10.08
C THR B 124 23.18 -29.93 -10.44
N THR B 125 22.58 -31.01 -9.95
CA THR B 125 23.09 -32.36 -10.17
C THR B 125 22.00 -33.24 -10.73
N PRO B 126 22.37 -34.18 -11.62
CA PRO B 126 21.41 -35.16 -12.10
C PRO B 126 20.77 -35.91 -10.94
N PRO B 127 19.46 -36.14 -10.99
CA PRO B 127 18.80 -36.89 -9.93
C PRO B 127 19.10 -38.38 -10.05
N SER B 128 18.91 -39.09 -8.93
CA SER B 128 19.05 -40.54 -8.90
C SER B 128 17.74 -41.15 -8.40
N VAL B 129 17.26 -42.17 -9.10
CA VAL B 129 15.96 -42.77 -8.83
C VAL B 129 16.17 -44.06 -8.05
N TYR B 130 15.42 -44.23 -6.97
CA TYR B 130 15.55 -45.40 -6.10
C TYR B 130 14.19 -46.05 -5.94
N PRO B 131 13.99 -47.28 -6.38
CA PRO B 131 12.66 -47.90 -6.33
C PRO B 131 12.27 -48.33 -4.92
N LEU B 132 11.00 -48.67 -4.78
CA LEU B 132 10.44 -49.16 -3.53
C LEU B 132 9.86 -50.55 -3.76
N ALA B 133 10.28 -51.51 -2.95
CA ALA B 133 9.85 -52.89 -3.15
C ALA B 133 9.53 -53.57 -1.82
N PRO B 134 8.29 -54.02 -1.62
CA PRO B 134 7.98 -54.78 -0.41
C PRO B 134 8.28 -56.27 -0.59
N GLY B 135 7.95 -57.07 0.42
CA GLY B 135 8.15 -58.50 0.33
C GLY B 135 9.03 -59.06 1.44
N CYS B 136 9.09 -58.35 2.56
CA CYS B 136 9.89 -58.80 3.71
C CYS B 136 9.03 -59.63 4.66
N GLY B 137 8.42 -60.67 4.10
CA GLY B 137 7.55 -61.55 4.86
C GLY B 137 6.13 -61.08 5.02
N ASP B 138 5.79 -59.91 4.51
CA ASP B 138 4.43 -59.41 4.63
C ASP B 138 3.49 -60.15 3.69
N THR B 139 2.21 -60.19 4.06
CA THR B 139 1.20 -60.86 3.27
C THR B 139 0.59 -59.95 2.20
N THR B 140 0.97 -58.68 2.18
CA THR B 140 0.46 -57.68 1.21
C THR B 140 -1.07 -57.66 1.34
N GLY B 141 -1.81 -57.82 0.25
CA GLY B 141 -3.26 -57.78 0.33
C GLY B 141 -3.87 -57.75 -1.05
N SER B 142 -5.12 -57.28 -1.11
CA SER B 142 -5.80 -57.17 -2.39
C SER B 142 -5.10 -56.19 -3.32
N SER B 143 -4.65 -55.06 -2.78
CA SER B 143 -3.95 -54.04 -3.55
C SER B 143 -2.60 -53.76 -2.91
N VAL B 144 -1.57 -53.61 -3.73
CA VAL B 144 -0.21 -53.32 -3.29
C VAL B 144 0.22 -52.00 -3.90
N THR B 145 0.85 -51.16 -3.10
CA THR B 145 1.33 -49.86 -3.55
C THR B 145 2.82 -49.91 -3.84
N LEU B 146 3.26 -49.02 -4.73
CA LEU B 146 4.64 -48.99 -5.20
C LEU B 146 5.01 -47.54 -5.50
N GLY B 147 6.32 -47.30 -5.60
CA GLY B 147 6.80 -45.97 -5.91
C GLY B 147 8.29 -45.98 -6.15
N CYS B 148 8.81 -44.81 -6.53
CA CYS B 148 10.24 -44.63 -6.73
C CYS B 148 10.61 -43.21 -6.31
N LEU B 149 11.52 -43.13 -5.34
CA LEU B 149 11.94 -41.86 -4.76
C LEU B 149 13.06 -41.25 -5.59
N VAL B 150 13.17 -39.92 -5.52
CA VAL B 150 14.16 -39.18 -6.30
C VAL B 150 15.12 -38.50 -5.34
N LYS B 151 16.41 -38.53 -5.67
CA LYS B 151 17.46 -38.07 -4.79
C LYS B 151 18.32 -37.03 -5.50
N GLY B 152 18.63 -35.96 -4.81
CA GLY B 152 19.66 -35.01 -5.23
C GLY B 152 19.43 -34.25 -6.53
N TYR B 153 18.22 -33.72 -6.72
CA TYR B 153 17.93 -32.88 -7.88
C TYR B 153 17.67 -31.45 -7.39
N PHE B 154 18.38 -30.49 -7.98
CA PHE B 154 18.22 -29.10 -7.58
C PHE B 154 16.97 -28.42 -8.14
N PRO B 155 16.78 -28.34 -9.46
CA PRO B 155 15.68 -27.53 -9.98
C PRO B 155 14.33 -28.23 -9.88
N GLU B 156 13.29 -27.40 -9.76
CA GLU B 156 11.94 -27.89 -9.51
C GLU B 156 11.32 -28.59 -10.71
N SER B 157 11.78 -28.28 -11.93
CA SER B 157 11.16 -28.81 -13.14
C SER B 157 11.48 -30.29 -13.25
N VAL B 158 10.67 -31.10 -12.58
CA VAL B 158 10.81 -32.56 -12.61
C VAL B 158 9.40 -33.15 -12.66
N THR B 159 9.24 -34.24 -13.42
CA THR B 159 7.99 -34.97 -13.46
C THR B 159 8.25 -36.46 -13.36
N VAL B 160 7.29 -37.18 -12.77
CA VAL B 160 7.35 -38.62 -12.61
C VAL B 160 6.09 -39.21 -13.22
N THR B 161 6.26 -40.22 -14.07
CA THR B 161 5.15 -40.83 -14.78
C THR B 161 5.21 -42.35 -14.64
N TRP B 162 4.04 -42.98 -14.78
CA TRP B 162 3.89 -44.42 -14.72
C TRP B 162 3.23 -44.84 -16.03
N ASN B 163 4.05 -44.99 -17.08
CA ASN B 163 3.52 -45.40 -18.38
C ASN B 163 2.95 -46.82 -18.32
N SER B 164 3.63 -47.72 -17.62
CA SER B 164 3.17 -49.08 -17.42
C SER B 164 2.33 -49.24 -16.16
N GLY B 165 2.08 -48.15 -15.43
CA GLY B 165 1.28 -48.18 -14.24
C GLY B 165 -0.18 -47.87 -14.50
N SER B 166 -0.86 -47.35 -13.47
CA SER B 166 -2.28 -47.03 -13.55
C SER B 166 -2.54 -45.63 -14.10
N LEU B 167 -1.50 -44.90 -14.47
CA LEU B 167 -1.61 -43.55 -15.06
C LEU B 167 -2.25 -42.63 -14.01
N SER B 168 -3.24 -41.81 -14.39
CA SER B 168 -3.83 -40.84 -13.48
C SER B 168 -4.68 -41.48 -12.39
N SER B 169 -4.99 -42.77 -12.51
CA SER B 169 -5.85 -43.44 -11.53
C SER B 169 -5.01 -43.88 -10.33
N SER B 170 -5.40 -43.41 -9.14
CA SER B 170 -4.77 -43.81 -7.88
C SER B 170 -3.27 -43.53 -7.88
N VAL B 171 -2.93 -42.27 -8.12
CA VAL B 171 -1.55 -41.80 -8.11
C VAL B 171 -1.45 -40.58 -7.20
N HIS B 172 -0.46 -40.58 -6.31
CA HIS B 172 -0.25 -39.48 -5.38
C HIS B 172 1.18 -38.98 -5.53
N THR B 173 1.33 -37.68 -5.76
CA THR B 173 2.62 -37.04 -5.96
C THR B 173 2.88 -36.11 -4.79
N PHE B 174 3.85 -36.44 -3.95
CA PHE B 174 4.17 -35.63 -2.79
C PHE B 174 5.02 -34.44 -3.21
N PRO B 175 4.58 -33.21 -2.97
CA PRO B 175 5.43 -32.05 -3.29
C PRO B 175 6.70 -32.07 -2.47
N ALA B 176 7.77 -31.56 -3.09
CA ALA B 176 9.10 -31.57 -2.48
C ALA B 176 9.26 -30.42 -1.51
N LEU B 177 10.08 -30.64 -0.48
CA LEU B 177 10.40 -29.63 0.51
C LEU B 177 11.92 -29.53 0.65
N LEU B 178 12.42 -28.30 0.74
CA LEU B 178 13.86 -28.08 0.75
C LEU B 178 14.48 -28.63 2.02
N GLN B 179 15.64 -29.28 1.87
CA GLN B 179 16.35 -29.88 2.99
C GLN B 179 17.77 -30.23 2.56
N SER B 180 18.74 -29.86 3.38
CA SER B 180 20.15 -30.20 3.16
C SER B 180 20.63 -29.75 1.77
N GLY B 181 20.14 -28.59 1.34
CA GLY B 181 20.52 -28.07 0.04
C GLY B 181 19.77 -28.71 -1.11
N LEU B 182 19.85 -30.04 -1.20
CA LEU B 182 19.20 -30.78 -2.28
C LEU B 182 17.92 -31.40 -1.74
N TYR B 183 16.80 -31.01 -2.33
CA TYR B 183 15.49 -31.48 -1.91
C TYR B 183 14.97 -32.57 -2.82
N THR B 184 13.96 -33.29 -2.31
CA THR B 184 13.50 -34.55 -2.88
C THR B 184 11.98 -34.63 -2.85
N MET B 185 11.44 -35.42 -3.76
CA MET B 185 10.00 -35.69 -3.83
C MET B 185 9.76 -37.18 -4.02
N SER B 186 8.49 -37.58 -4.03
CA SER B 186 8.13 -38.98 -4.17
C SER B 186 6.79 -39.10 -4.87
N SER B 187 6.55 -40.29 -5.43
CA SER B 187 5.29 -40.65 -6.06
C SER B 187 4.89 -42.04 -5.62
N SER B 188 3.58 -42.28 -5.56
CA SER B 188 3.05 -43.57 -5.12
C SER B 188 1.83 -43.94 -5.94
N VAL B 189 1.75 -45.20 -6.35
CA VAL B 189 0.61 -45.71 -7.11
C VAL B 189 0.27 -47.11 -6.59
N THR B 190 -1.01 -47.38 -6.42
CA THR B 190 -1.48 -48.66 -5.94
C THR B 190 -2.14 -49.45 -7.06
N VAL B 191 -1.80 -50.74 -7.15
CA VAL B 191 -2.32 -51.61 -8.20
C VAL B 191 -2.78 -52.91 -7.58
N PRO B 192 -3.74 -53.57 -8.22
CA PRO B 192 -4.18 -54.88 -7.72
C PRO B 192 -3.03 -55.88 -7.68
N SER B 193 -3.01 -56.69 -6.63
CA SER B 193 -1.91 -57.63 -6.44
C SER B 193 -1.96 -58.78 -7.44
N SER B 194 -3.17 -59.18 -7.85
CA SER B 194 -3.31 -60.29 -8.78
C SER B 194 -2.69 -59.98 -10.14
N THR B 195 -2.90 -58.76 -10.64
CA THR B 195 -2.44 -58.38 -11.96
C THR B 195 -1.05 -57.76 -11.98
N TRP B 196 -0.46 -57.50 -10.81
CA TRP B 196 0.86 -56.89 -10.77
C TRP B 196 1.95 -57.77 -11.39
N PRO B 197 2.09 -59.05 -11.04
CA PRO B 197 3.12 -59.87 -11.72
C PRO B 197 2.88 -60.01 -13.21
N SER B 198 1.62 -60.04 -13.65
CA SER B 198 1.32 -60.25 -15.05
C SER B 198 1.83 -59.08 -15.91
N GLN B 199 1.64 -57.85 -15.44
CA GLN B 199 2.01 -56.66 -16.19
C GLN B 199 3.12 -55.94 -15.44
N THR B 200 4.28 -55.81 -16.07
CA THR B 200 5.39 -55.10 -15.47
C THR B 200 5.06 -53.62 -15.35
N VAL B 201 5.56 -53.01 -14.27
CA VAL B 201 5.32 -51.60 -13.98
C VAL B 201 6.66 -50.87 -13.89
N THR B 202 6.74 -49.73 -14.58
CA THR B 202 7.96 -48.94 -14.61
C THR B 202 7.63 -47.48 -14.29
N CYS B 203 8.58 -46.79 -13.66
CA CYS B 203 8.46 -45.36 -13.40
C CYS B 203 9.54 -44.61 -14.16
N SER B 204 9.13 -43.51 -14.79
CA SER B 204 10.02 -42.67 -15.57
C SER B 204 10.09 -41.29 -14.97
N VAL B 205 11.30 -40.78 -14.79
CA VAL B 205 11.52 -39.45 -14.23
C VAL B 205 12.13 -38.57 -15.32
N ALA B 206 11.41 -37.52 -15.68
CA ALA B 206 11.86 -36.57 -16.69
C ALA B 206 12.28 -35.28 -16.00
N HIS B 207 13.47 -34.80 -16.36
CA HIS B 207 14.09 -33.62 -15.74
C HIS B 207 14.45 -32.65 -16.85
N PRO B 208 13.49 -31.87 -17.33
CA PRO B 208 13.76 -30.97 -18.47
C PRO B 208 14.87 -29.97 -18.21
N ALA B 209 15.06 -29.54 -16.96
CA ALA B 209 16.16 -28.64 -16.67
C ALA B 209 17.52 -29.29 -16.84
N SER B 210 17.57 -30.62 -16.96
CA SER B 210 18.81 -31.33 -17.19
C SER B 210 18.68 -32.21 -18.43
N SER B 211 19.67 -33.07 -18.68
CA SER B 211 19.70 -33.93 -19.86
C SER B 211 19.51 -35.39 -19.49
N THR B 212 18.63 -35.66 -18.53
CA THR B 212 18.35 -37.02 -18.07
C THR B 212 16.86 -37.31 -18.17
N THR B 213 16.56 -38.53 -18.61
CA THR B 213 15.19 -39.06 -18.67
C THR B 213 15.19 -40.49 -18.15
N VAL B 214 15.82 -40.70 -17.01
CA VAL B 214 16.04 -42.05 -16.49
C VAL B 214 14.71 -42.68 -16.08
N ASP B 215 14.55 -43.96 -16.41
CA ASP B 215 13.40 -44.74 -16.01
C ASP B 215 13.86 -46.11 -15.50
N LYS B 216 13.02 -46.74 -14.69
CA LYS B 216 13.40 -48.04 -14.13
C LYS B 216 12.17 -48.78 -13.65
N LYS B 217 12.32 -50.09 -13.53
CA LYS B 217 11.28 -50.99 -13.02
C LYS B 217 11.75 -51.62 -11.72
N LEU B 218 10.91 -51.54 -10.70
CA LEU B 218 11.24 -52.13 -9.40
C LEU B 218 11.12 -53.64 -9.46
N GLU B 219 11.87 -54.31 -8.60
CA GLU B 219 11.88 -55.77 -8.52
C GLU B 219 11.54 -56.23 -7.11
N PRO B 220 10.56 -57.11 -6.95
CA PRO B 220 10.22 -57.58 -5.60
C PRO B 220 11.36 -58.38 -4.98
N SER B 221 11.43 -58.32 -3.66
CA SER B 221 12.46 -59.05 -2.91
C SER B 221 12.23 -60.55 -2.98
N ASP C 1 2.10 -0.28 15.68
CA ASP C 1 1.59 -0.90 14.47
C ASP C 1 0.25 -1.60 14.73
N ILE C 2 -0.35 -2.11 13.66
CA ILE C 2 -1.63 -2.79 13.72
C ILE C 2 -1.42 -4.23 13.24
N VAL C 3 -1.85 -5.19 14.05
CA VAL C 3 -1.78 -6.60 13.68
C VAL C 3 -3.18 -7.17 13.70
N MET C 4 -3.47 -8.02 12.72
CA MET C 4 -4.78 -8.62 12.54
C MET C 4 -4.68 -10.13 12.61
N THR C 5 -5.65 -10.76 13.25
CA THR C 5 -5.69 -12.21 13.39
C THR C 5 -7.05 -12.72 12.91
N GLN C 6 -7.03 -13.81 12.17
CA GLN C 6 -8.25 -14.49 11.73
C GLN C 6 -8.49 -15.70 12.62
N SER C 7 -9.71 -15.81 13.16
CA SER C 7 -9.96 -16.82 14.18
C SER C 7 -9.96 -18.24 13.63
N PRO C 8 -10.84 -18.62 12.69
CA PRO C 8 -10.94 -20.04 12.34
C PRO C 8 -9.71 -20.59 11.62
N SER C 9 -9.31 -19.91 10.54
CA SER C 9 -8.14 -20.29 9.74
C SER C 9 -8.33 -21.64 9.05
N SER C 10 -9.48 -22.28 9.23
CA SER C 10 -9.78 -23.56 8.60
C SER C 10 -11.27 -23.88 8.69
N LEU C 11 -11.91 -24.13 7.55
CA LEU C 11 -13.31 -24.49 7.54
C LEU C 11 -13.55 -25.60 6.52
N ALA C 12 -14.65 -26.31 6.71
CA ALA C 12 -15.08 -27.37 5.79
C ALA C 12 -16.58 -27.28 5.58
N VAL C 13 -16.99 -26.90 4.38
CA VAL C 13 -18.40 -26.74 4.04
C VAL C 13 -18.65 -27.48 2.73
N SER C 14 -19.71 -28.28 2.70
CA SER C 14 -19.91 -29.19 1.57
C SER C 14 -20.61 -28.52 0.39
N ALA C 15 -21.88 -28.15 0.56
CA ALA C 15 -22.68 -27.68 -0.56
C ALA C 15 -23.25 -26.29 -0.35
N GLY C 16 -23.97 -26.04 0.73
CA GLY C 16 -24.71 -24.80 0.86
C GLY C 16 -24.52 -24.05 2.15
N GLU C 17 -23.94 -24.69 3.16
CA GLU C 17 -23.80 -24.05 4.46
C GLU C 17 -22.94 -22.80 4.35
N LYS C 18 -23.43 -21.70 4.91
CA LYS C 18 -22.73 -20.43 4.83
C LYS C 18 -21.47 -20.46 5.66
N VAL C 19 -20.44 -19.77 5.16
CA VAL C 19 -19.18 -19.63 5.88
C VAL C 19 -19.19 -18.30 6.61
N THR C 20 -18.26 -18.15 7.54
CA THR C 20 -18.16 -16.94 8.36
C THR C 20 -16.71 -16.73 8.74
N MET C 21 -16.03 -15.81 8.06
CA MET C 21 -14.65 -15.46 8.35
C MET C 21 -14.62 -14.12 9.07
N SER C 22 -14.00 -14.07 10.24
CA SER C 22 -13.95 -12.86 11.05
C SER C 22 -12.52 -12.62 11.52
N CYS C 23 -12.01 -11.41 11.26
CA CYS C 23 -10.74 -10.97 11.81
C CYS C 23 -10.99 -9.69 12.60
N LYS C 24 -10.63 -9.70 13.87
CA LYS C 24 -10.99 -8.64 14.80
C LYS C 24 -9.99 -7.49 14.84
N SER C 25 -8.89 -7.59 14.10
CA SER C 25 -7.86 -6.55 14.07
C SER C 25 -7.33 -6.24 15.46
N SER C 26 -6.76 -5.05 15.64
CA SER C 26 -6.20 -4.65 16.91
C SER C 26 -6.84 -3.38 17.47
N GLN C 27 -6.96 -2.33 16.65
CA GLN C 27 -7.53 -1.07 17.09
C GLN C 27 -8.70 -0.69 16.17
N SER C 28 -9.34 0.43 16.50
CA SER C 28 -10.49 0.91 15.74
C SER C 28 -9.99 1.50 14.43
N LEU C 29 -9.98 0.68 13.38
CA LEU C 29 -9.52 1.11 12.06
C LEU C 29 -10.68 1.66 11.21
N PHE C 30 -11.44 2.57 11.80
CA PHE C 30 -12.52 3.26 11.13
C PHE C 30 -12.22 4.75 11.11
N ASN C 31 -12.26 5.35 9.93
CA ASN C 31 -11.95 6.76 9.79
C ASN C 31 -13.12 7.59 10.29
N SER C 32 -12.83 8.55 11.17
CA SER C 32 -13.87 9.44 11.67
C SER C 32 -14.23 10.52 10.66
N ARG C 33 -13.27 10.99 9.87
CA ARG C 33 -13.54 12.03 8.89
C ARG C 33 -14.57 11.56 7.86
N THR C 34 -14.32 10.41 7.25
CA THR C 34 -15.22 9.85 6.25
C THR C 34 -15.53 8.41 6.62
N ARG C 35 -16.77 8.00 6.33
CA ARG C 35 -17.24 6.67 6.69
C ARG C 35 -16.79 5.65 5.63
N ARG C 36 -15.48 5.47 5.56
CA ARG C 36 -14.92 4.55 4.57
C ARG C 36 -14.58 3.19 5.16
N ASN C 37 -14.11 3.14 6.41
CA ASN C 37 -13.84 1.89 7.10
C ASN C 37 -12.82 1.04 6.32
N TYR C 38 -11.61 1.56 6.27
CA TYR C 38 -10.54 1.02 5.43
C TYR C 38 -10.27 -0.44 5.73
N LEU C 39 -10.63 -1.32 4.80
CA LEU C 39 -10.43 -2.76 4.95
C LEU C 39 -10.72 -3.43 3.61
N ALA C 40 -9.94 -4.46 3.29
CA ALA C 40 -10.06 -5.15 2.02
C ALA C 40 -10.02 -6.66 2.24
N TRP C 41 -10.97 -7.36 1.65
CA TRP C 41 -11.05 -8.81 1.68
C TRP C 41 -10.60 -9.36 0.34
N TYR C 42 -9.54 -10.18 0.35
CA TYR C 42 -8.94 -10.76 -0.83
C TYR C 42 -9.17 -12.27 -0.87
N GLN C 43 -8.92 -12.85 -2.05
CA GLN C 43 -9.06 -14.28 -2.27
C GLN C 43 -7.80 -14.79 -2.97
N GLN C 44 -7.29 -15.93 -2.50
CA GLN C 44 -6.06 -16.52 -3.04
C GLN C 44 -6.34 -17.99 -3.37
N LYS C 45 -6.63 -18.28 -4.63
CA LYS C 45 -6.67 -19.65 -5.09
C LYS C 45 -5.23 -20.18 -5.23
N PRO C 46 -5.01 -21.47 -5.00
CA PRO C 46 -3.65 -22.00 -5.05
C PRO C 46 -3.03 -21.85 -6.42
N GLY C 47 -1.74 -21.52 -6.45
CA GLY C 47 -1.02 -21.37 -7.70
C GLY C 47 -1.47 -20.20 -8.55
N GLN C 48 -2.06 -19.19 -7.93
CA GLN C 48 -2.55 -18.02 -8.66
C GLN C 48 -2.32 -16.77 -7.84
N SER C 49 -2.32 -15.63 -8.53
CA SER C 49 -2.19 -14.35 -7.86
C SER C 49 -3.46 -14.04 -7.08
N PRO C 50 -3.34 -13.33 -5.94
CA PRO C 50 -4.53 -12.98 -5.17
C PRO C 50 -5.48 -12.11 -5.97
N LYS C 51 -6.78 -12.28 -5.72
CA LYS C 51 -7.82 -11.51 -6.38
C LYS C 51 -8.61 -10.75 -5.33
N LEU C 52 -8.86 -9.47 -5.60
CA LEU C 52 -9.62 -8.64 -4.67
C LEU C 52 -11.10 -8.98 -4.75
N LEU C 53 -11.74 -9.09 -3.59
CA LEU C 53 -13.18 -9.33 -3.49
C LEU C 53 -13.95 -8.15 -2.95
N ILE C 54 -13.57 -7.64 -1.77
CA ILE C 54 -14.36 -6.63 -1.08
C ILE C 54 -13.45 -5.48 -0.71
N TYR C 55 -13.90 -4.25 -0.96
CA TYR C 55 -13.19 -3.05 -0.54
C TYR C 55 -14.13 -2.17 0.28
N TRP C 56 -13.56 -1.45 1.24
CA TRP C 56 -14.28 -0.70 2.28
C TRP C 56 -15.11 -1.61 3.18
N ALA C 57 -14.80 -2.91 3.19
CA ALA C 57 -15.39 -3.89 4.10
C ALA C 57 -16.89 -4.08 3.90
N SER C 58 -17.48 -3.37 2.95
CA SER C 58 -18.91 -3.52 2.67
C SER C 58 -19.26 -3.60 1.19
N THR C 59 -18.41 -3.12 0.29
CA THR C 59 -18.70 -3.08 -1.13
C THR C 59 -17.82 -4.07 -1.87
N ARG C 60 -18.30 -4.50 -3.03
CA ARG C 60 -17.63 -5.53 -3.82
C ARG C 60 -17.19 -4.99 -5.17
N GLU C 61 -16.10 -5.54 -5.68
CA GLU C 61 -15.67 -5.23 -7.04
C GLU C 61 -16.71 -5.72 -8.03
N SER C 62 -16.87 -4.96 -9.12
CA SER C 62 -17.78 -5.37 -10.18
C SER C 62 -17.29 -6.67 -10.83
N GLY C 63 -18.21 -7.61 -11.00
CA GLY C 63 -17.91 -8.88 -11.64
C GLY C 63 -17.76 -10.05 -10.68
N VAL C 64 -17.62 -9.80 -9.39
CA VAL C 64 -17.51 -10.90 -8.42
C VAL C 64 -18.89 -11.51 -8.22
N PRO C 65 -18.99 -12.77 -7.82
CA PRO C 65 -20.31 -13.35 -7.54
C PRO C 65 -21.01 -12.64 -6.40
N ASP C 66 -22.34 -12.58 -6.49
CA ASP C 66 -23.14 -11.91 -5.48
C ASP C 66 -23.26 -12.71 -4.17
N ARG C 67 -22.82 -13.96 -4.16
CA ARG C 67 -22.90 -14.76 -2.95
C ARG C 67 -21.99 -14.20 -1.85
N PHE C 68 -20.83 -13.67 -2.24
CA PHE C 68 -19.93 -13.05 -1.28
C PHE C 68 -20.57 -11.79 -0.71
N THR C 69 -20.46 -11.60 0.60
CA THR C 69 -20.92 -10.36 1.22
C THR C 69 -20.16 -10.13 2.52
N GLY C 70 -19.75 -8.89 2.74
CA GLY C 70 -18.99 -8.55 3.93
C GLY C 70 -19.61 -7.43 4.72
N SER C 71 -19.73 -7.61 6.03
CA SER C 71 -20.32 -6.60 6.91
C SER C 71 -19.44 -6.45 8.14
N GLY C 72 -19.26 -5.21 8.57
CA GLY C 72 -18.47 -4.96 9.76
C GLY C 72 -18.31 -3.48 10.01
N SER C 73 -17.82 -3.18 11.21
CA SER C 73 -17.53 -1.81 11.61
C SER C 73 -16.54 -1.85 12.77
N GLY C 74 -15.88 -0.72 12.99
CA GLY C 74 -14.92 -0.60 14.07
C GLY C 74 -13.83 -1.64 13.98
N THR C 75 -13.86 -2.63 14.86
CA THR C 75 -12.88 -3.72 14.85
C THR C 75 -13.49 -5.06 14.47
N ASP C 76 -14.82 -5.17 14.38
CA ASP C 76 -15.48 -6.44 14.12
C ASP C 76 -15.93 -6.49 12.67
N PHE C 77 -15.46 -7.52 11.95
CA PHE C 77 -15.78 -7.71 10.55
C PHE C 77 -16.14 -9.16 10.29
N THR C 78 -16.89 -9.40 9.22
CA THR C 78 -17.35 -10.74 8.90
C THR C 78 -17.64 -10.85 7.42
N LEU C 79 -17.02 -11.84 6.77
CA LEU C 79 -17.30 -12.20 5.39
C LEU C 79 -18.08 -13.50 5.37
N THR C 80 -19.15 -13.53 4.57
CA THR C 80 -20.00 -14.70 4.46
C THR C 80 -20.32 -14.97 3.00
N ILE C 81 -20.68 -16.22 2.72
CA ILE C 81 -21.10 -16.65 1.39
C ILE C 81 -22.45 -17.33 1.52
N SER C 82 -23.40 -16.92 0.67
CA SER C 82 -24.73 -17.52 0.72
C SER C 82 -24.69 -19.00 0.35
N SER C 83 -23.95 -19.35 -0.69
CA SER C 83 -23.83 -20.73 -1.14
C SER C 83 -22.45 -20.93 -1.74
N VAL C 84 -21.67 -21.84 -1.16
CA VAL C 84 -20.31 -22.10 -1.59
C VAL C 84 -20.33 -23.18 -2.66
N GLN C 85 -19.42 -23.09 -3.61
CA GLN C 85 -19.29 -24.11 -4.67
C GLN C 85 -17.82 -24.48 -4.84
N ALA C 86 -17.55 -25.21 -5.92
CA ALA C 86 -16.24 -25.83 -6.13
C ALA C 86 -15.10 -24.81 -6.19
N GLU C 87 -15.29 -23.69 -6.87
CA GLU C 87 -14.21 -22.72 -7.04
C GLU C 87 -14.18 -21.66 -5.96
N ASP C 88 -14.89 -21.87 -4.85
CA ASP C 88 -14.81 -20.97 -3.70
C ASP C 88 -13.77 -21.41 -2.68
N LEU C 89 -13.02 -22.47 -2.95
CA LEU C 89 -12.01 -22.97 -2.04
C LEU C 89 -10.71 -22.20 -2.29
N ALA C 90 -10.39 -21.30 -1.37
CA ALA C 90 -9.22 -20.44 -1.51
C ALA C 90 -8.82 -19.94 -0.12
N VAL C 91 -7.96 -18.94 -0.08
CA VAL C 91 -7.44 -18.37 1.16
C VAL C 91 -7.79 -16.88 1.19
N TYR C 92 -8.28 -16.41 2.34
CA TYR C 92 -8.72 -15.04 2.51
C TYR C 92 -7.95 -14.39 3.66
N TYR C 93 -7.56 -13.12 3.45
CA TYR C 93 -6.59 -12.47 4.32
C TYR C 93 -7.08 -11.21 5.03
N CYS C 94 -8.13 -10.56 4.53
CA CYS C 94 -8.68 -9.32 5.10
C CYS C 94 -7.58 -8.30 5.43
N LYS C 95 -6.93 -7.81 4.38
CA LYS C 95 -5.94 -6.76 4.53
C LYS C 95 -6.57 -5.46 4.98
N GLN C 96 -5.78 -4.65 5.70
CA GLN C 96 -6.19 -3.33 6.15
C GLN C 96 -5.18 -2.28 5.68
N SER C 97 -5.66 -1.05 5.51
CA SER C 97 -4.80 0.03 5.03
C SER C 97 -5.07 1.34 5.76
N TYR C 98 -5.61 1.27 6.98
CA TYR C 98 -5.91 2.50 7.72
C TYR C 98 -4.63 3.23 8.10
N TYR C 99 -3.67 2.52 8.69
CA TYR C 99 -2.39 3.11 9.08
C TYR C 99 -1.23 2.55 8.27
N LEU C 100 -1.05 1.24 8.26
CA LEU C 100 -0.02 0.59 7.47
C LEU C 100 -0.59 -0.65 6.81
N LEU C 101 0.00 -1.03 5.68
CA LEU C 101 -0.48 -2.15 4.89
C LEU C 101 -0.06 -3.44 5.59
N THR C 102 -1.00 -4.08 6.27
CA THR C 102 -0.74 -5.33 7.00
C THR C 102 -1.77 -6.36 6.59
N PHE C 103 -1.31 -7.60 6.41
CA PHE C 103 -2.15 -8.71 6.00
C PHE C 103 -2.39 -9.65 7.18
N GLY C 104 -3.53 -10.33 7.14
CA GLY C 104 -3.87 -11.30 8.16
C GLY C 104 -3.20 -12.64 7.92
N ALA C 105 -3.38 -13.53 8.89
CA ALA C 105 -2.78 -14.86 8.79
C ALA C 105 -3.34 -15.64 7.60
N GLY C 106 -4.64 -15.57 7.39
CA GLY C 106 -5.26 -16.27 6.28
C GLY C 106 -6.17 -17.37 6.76
N THR C 107 -7.26 -17.59 6.03
CA THR C 107 -8.23 -18.63 6.33
C THR C 107 -8.35 -19.57 5.14
N LYS C 108 -8.21 -20.87 5.39
CA LYS C 108 -8.25 -21.88 4.34
C LYS C 108 -9.59 -22.58 4.35
N LEU C 109 -10.19 -22.74 3.18
CA LEU C 109 -11.47 -23.42 3.01
C LEU C 109 -11.25 -24.77 2.34
N GLU C 110 -11.86 -25.80 2.90
CA GLU C 110 -11.77 -27.14 2.32
C GLU C 110 -13.15 -27.75 2.12
N LEU C 111 -13.20 -28.99 1.67
CA LEU C 111 -14.46 -29.69 1.42
C LEU C 111 -14.58 -30.85 2.40
N LYS C 112 -15.72 -30.94 3.08
CA LYS C 112 -15.88 -31.93 4.13
C LYS C 112 -16.08 -33.33 3.55
N ARG C 113 -15.80 -34.33 4.39
CA ARG C 113 -16.01 -35.73 4.03
C ARG C 113 -16.68 -36.45 5.19
N ALA C 114 -17.27 -37.60 4.88
CA ALA C 114 -17.93 -38.41 5.90
C ALA C 114 -16.93 -38.86 6.97
N ASP C 115 -15.94 -39.65 6.56
CA ASP C 115 -14.95 -40.18 7.49
C ASP C 115 -13.65 -40.42 6.73
N ALA C 116 -12.71 -41.09 7.39
CA ALA C 116 -11.41 -41.39 6.80
C ALA C 116 -11.01 -42.83 7.08
N ALA C 117 -10.32 -43.44 6.12
CA ALA C 117 -9.79 -44.79 6.25
C ALA C 117 -8.34 -44.80 5.79
N PRO C 118 -7.44 -44.23 6.59
CA PRO C 118 -6.03 -44.18 6.18
C PRO C 118 -5.41 -45.56 6.07
N THR C 119 -4.50 -45.70 5.10
CA THR C 119 -3.76 -46.94 4.88
C THR C 119 -2.28 -46.64 4.95
N VAL C 120 -1.56 -47.44 5.74
CA VAL C 120 -0.13 -47.25 5.97
C VAL C 120 0.65 -48.13 4.99
N SER C 121 1.74 -47.57 4.46
CA SER C 121 2.64 -48.35 3.62
C SER C 121 4.07 -48.04 4.03
N ILE C 122 4.84 -49.08 4.32
CA ILE C 122 6.22 -48.95 4.76
C ILE C 122 7.13 -49.59 3.72
N PHE C 123 8.23 -48.90 3.40
CA PHE C 123 9.16 -49.35 2.41
C PHE C 123 10.58 -49.15 2.92
N PRO C 124 11.41 -50.18 2.86
CA PRO C 124 12.76 -50.09 3.40
C PRO C 124 13.72 -49.54 2.35
N PRO C 125 14.88 -49.06 2.78
CA PRO C 125 15.87 -48.55 1.82
C PRO C 125 16.35 -49.64 0.87
N SER C 126 16.61 -49.23 -0.37
CA SER C 126 17.05 -50.14 -1.41
C SER C 126 18.55 -50.41 -1.29
N SER C 127 18.97 -51.57 -1.82
CA SER C 127 20.35 -52.02 -1.66
C SER C 127 21.33 -51.16 -2.46
N GLU C 128 20.92 -50.70 -3.64
CA GLU C 128 21.86 -50.00 -4.50
C GLU C 128 22.25 -48.64 -3.94
N GLN C 129 21.35 -48.00 -3.18
CA GLN C 129 21.73 -46.77 -2.50
C GLN C 129 22.40 -47.06 -1.16
N LEU C 130 22.18 -48.26 -0.61
CA LEU C 130 23.02 -48.73 0.50
C LEU C 130 24.48 -48.79 0.06
N THR C 131 24.73 -49.29 -1.15
CA THR C 131 26.08 -49.23 -1.72
C THR C 131 26.53 -47.81 -2.01
N SER C 132 25.61 -46.84 -2.03
CA SER C 132 25.96 -45.45 -2.29
C SER C 132 26.34 -44.69 -1.03
N GLY C 133 26.25 -45.30 0.15
CA GLY C 133 26.69 -44.67 1.37
C GLY C 133 25.60 -44.10 2.26
N GLY C 134 24.33 -44.37 1.97
CA GLY C 134 23.24 -43.85 2.77
C GLY C 134 22.10 -44.85 2.83
N ALA C 135 21.04 -44.45 3.53
CA ALA C 135 19.83 -45.26 3.62
C ALA C 135 18.66 -44.36 3.93
N SER C 136 17.49 -44.72 3.40
CA SER C 136 16.28 -43.94 3.60
C SER C 136 15.09 -44.89 3.66
N VAL C 137 14.38 -44.87 4.79
CA VAL C 137 13.18 -45.68 4.98
C VAL C 137 11.97 -44.75 4.93
N VAL C 138 10.94 -45.15 4.19
CA VAL C 138 9.82 -44.27 3.90
C VAL C 138 8.52 -44.95 4.28
N CYS C 139 7.67 -44.23 5.03
CA CYS C 139 6.32 -44.71 5.32
C CYS C 139 5.34 -43.60 4.94
N PHE C 140 4.29 -43.96 4.22
CA PHE C 140 3.31 -42.99 3.80
C PHE C 140 1.89 -43.51 4.01
N LEU C 141 1.00 -42.58 4.32
CA LEU C 141 -0.38 -42.87 4.67
C LEU C 141 -1.28 -42.30 3.58
N ASN C 142 -2.26 -43.09 3.16
CA ASN C 142 -3.12 -42.72 2.04
C ASN C 142 -4.59 -42.68 2.48
N ASN C 143 -5.34 -41.77 1.85
CA ASN C 143 -6.79 -41.70 1.98
C ASN C 143 -7.22 -41.46 3.44
N PHE C 144 -6.82 -40.30 3.96
CA PHE C 144 -7.32 -39.81 5.24
C PHE C 144 -7.75 -38.35 5.06
N TYR C 145 -8.98 -38.05 5.45
CA TYR C 145 -9.54 -36.71 5.23
C TYR C 145 -9.05 -35.69 6.26
N PRO C 146 -9.21 -35.93 7.57
CA PRO C 146 -8.83 -34.89 8.54
C PRO C 146 -7.33 -34.64 8.54
N LYS C 147 -6.97 -33.37 8.79
CA LYS C 147 -5.57 -32.98 8.79
C LYS C 147 -4.83 -33.40 10.05
N ASP C 148 -5.53 -33.48 11.18
CA ASP C 148 -4.90 -33.79 12.45
C ASP C 148 -4.49 -35.26 12.48
N ILE C 149 -3.21 -35.52 12.20
CA ILE C 149 -2.66 -36.87 12.23
C ILE C 149 -1.19 -36.77 12.58
N ASN C 150 -0.69 -37.75 13.34
CA ASN C 150 0.70 -37.75 13.78
C ASN C 150 1.31 -39.11 13.53
N VAL C 151 2.64 -39.12 13.36
CA VAL C 151 3.39 -40.34 13.16
C VAL C 151 4.55 -40.38 14.14
N LYS C 152 4.96 -41.60 14.51
CA LYS C 152 6.08 -41.80 15.42
C LYS C 152 6.87 -43.02 14.98
N TRP C 153 8.16 -43.00 15.30
CA TRP C 153 9.08 -44.08 14.95
C TRP C 153 9.58 -44.74 16.23
N LYS C 154 9.41 -46.05 16.32
CA LYS C 154 9.91 -46.84 17.42
C LYS C 154 11.06 -47.70 16.91
N ILE C 155 12.27 -47.44 17.40
CA ILE C 155 13.47 -48.16 16.99
C ILE C 155 13.97 -48.91 18.21
N ASP C 156 13.88 -50.24 18.17
CA ASP C 156 14.27 -51.10 19.29
C ASP C 156 13.55 -50.69 20.57
N GLY C 157 12.30 -50.28 20.43
CA GLY C 157 11.53 -49.79 21.55
C GLY C 157 11.88 -48.39 22.02
N SER C 158 12.64 -47.64 21.23
CA SER C 158 13.07 -46.31 21.61
C SER C 158 12.44 -45.27 20.68
N GLU C 159 12.05 -44.14 21.26
CA GLU C 159 11.41 -43.05 20.51
C GLU C 159 12.48 -42.06 20.07
N ARG C 160 12.71 -42.00 18.75
CA ARG C 160 13.79 -41.18 18.19
C ARG C 160 13.30 -39.81 17.70
N GLN C 161 12.44 -39.79 16.69
CA GLN C 161 12.03 -38.56 16.00
C GLN C 161 13.22 -37.64 15.72
N ASN C 162 14.25 -38.19 15.12
CA ASN C 162 15.41 -37.43 14.66
C ASN C 162 15.57 -37.62 13.16
N GLY C 163 15.84 -36.54 12.46
CA GLY C 163 15.94 -36.60 11.00
C GLY C 163 14.65 -37.00 10.31
N VAL C 164 13.52 -36.49 10.78
CA VAL C 164 12.22 -36.80 10.20
C VAL C 164 11.95 -35.83 9.06
N LEU C 165 11.31 -36.31 8.00
CA LEU C 165 10.84 -35.44 6.93
C LEU C 165 9.40 -35.78 6.61
N ASN C 166 8.54 -34.76 6.56
CA ASN C 166 7.12 -34.94 6.29
C ASN C 166 6.70 -34.13 5.08
N SER C 167 5.82 -34.71 4.27
CA SER C 167 5.28 -34.06 3.08
C SER C 167 3.79 -34.28 3.01
N TRP C 168 3.06 -33.24 2.61
CA TRP C 168 1.61 -33.22 2.58
C TRP C 168 1.09 -33.18 1.15
N THR C 169 0.00 -33.92 0.90
CA THR C 169 -0.67 -33.87 -0.38
C THR C 169 -1.60 -32.66 -0.45
N ASP C 170 -1.85 -32.17 -1.67
CA ASP C 170 -2.56 -30.93 -1.88
C ASP C 170 -4.07 -31.13 -2.12
N GLN C 171 -4.64 -32.21 -1.58
CA GLN C 171 -6.08 -32.45 -1.63
C GLN C 171 -6.60 -32.47 -3.07
N ASP C 172 -6.18 -33.52 -3.79
CA ASP C 172 -6.52 -33.67 -5.20
C ASP C 172 -8.02 -33.50 -5.43
N SER C 173 -8.37 -33.05 -6.63
CA SER C 173 -9.76 -32.73 -6.96
C SER C 173 -10.65 -33.96 -7.08
N LYS C 174 -10.07 -35.16 -7.22
CA LYS C 174 -10.88 -36.36 -7.36
C LYS C 174 -11.73 -36.60 -6.11
N ASP C 175 -11.13 -36.41 -4.94
CA ASP C 175 -11.85 -36.53 -3.67
C ASP C 175 -11.11 -35.70 -2.62
N SER C 176 -11.85 -35.25 -1.62
CA SER C 176 -11.28 -34.35 -0.62
C SER C 176 -10.23 -35.04 0.25
N THR C 177 -10.16 -36.36 0.23
CA THR C 177 -9.13 -37.03 1.00
C THR C 177 -7.77 -36.86 0.33
N TYR C 178 -6.72 -37.11 1.11
CA TYR C 178 -5.36 -36.91 0.62
C TYR C 178 -4.40 -37.71 1.49
N SER C 179 -3.12 -37.68 1.10
CA SER C 179 -2.09 -38.54 1.66
C SER C 179 -1.00 -37.72 2.34
N MET C 180 -0.15 -38.43 3.07
CA MET C 180 1.02 -37.86 3.73
C MET C 180 2.18 -38.82 3.59
N SER C 181 3.40 -38.28 3.62
CA SER C 181 4.59 -39.11 3.48
C SER C 181 5.62 -38.71 4.52
N SER C 182 6.35 -39.70 5.04
CA SER C 182 7.40 -39.46 6.03
C SER C 182 8.62 -40.29 5.65
N THR C 183 9.79 -39.67 5.78
CA THR C 183 11.05 -40.30 5.44
C THR C 183 12.05 -40.14 6.58
N LEU C 184 12.86 -41.18 6.78
CA LEU C 184 13.99 -41.15 7.70
C LEU C 184 15.25 -41.48 6.90
N THR C 185 16.23 -40.58 6.94
CA THR C 185 17.49 -40.74 6.25
C THR C 185 18.62 -40.89 7.25
N LEU C 186 19.43 -41.93 7.08
CA LEU C 186 20.55 -42.20 7.98
C LEU C 186 21.73 -42.73 7.19
N THR C 187 22.93 -42.44 7.70
CA THR C 187 24.14 -42.90 7.04
C THR C 187 24.31 -44.40 7.21
N LYS C 188 25.27 -44.96 6.49
CA LYS C 188 25.60 -46.37 6.66
C LYS C 188 26.39 -46.58 7.95
N ASP C 189 26.50 -47.85 8.34
CA ASP C 189 27.17 -48.38 9.54
C ASP C 189 26.31 -48.26 10.79
N GLU C 190 25.11 -47.70 10.72
CA GLU C 190 24.17 -47.77 11.84
C GLU C 190 22.79 -48.28 11.44
N TYR C 191 22.53 -48.51 10.15
CA TYR C 191 21.24 -49.04 9.76
C TYR C 191 21.02 -50.45 10.28
N GLU C 192 22.02 -51.32 10.13
CA GLU C 192 21.86 -52.73 10.45
C GLU C 192 21.86 -53.03 11.94
N ARG C 193 22.51 -52.19 12.76
CA ARG C 193 22.60 -52.48 14.18
C ARG C 193 21.30 -52.21 14.92
N HIS C 194 20.47 -51.29 14.42
CA HIS C 194 19.21 -50.97 15.08
C HIS C 194 18.07 -51.89 14.64
N ASN C 195 17.88 -52.03 13.33
CA ASN C 195 16.79 -52.85 12.75
C ASN C 195 15.47 -52.29 13.28
N SER C 196 14.46 -53.14 13.49
CA SER C 196 13.15 -52.72 13.98
C SER C 196 12.51 -51.69 13.06
N TYR C 197 12.68 -50.40 13.39
CA TYR C 197 12.13 -49.30 12.60
C TYR C 197 10.62 -49.41 12.46
N THR C 198 9.95 -49.74 13.57
CA THR C 198 8.50 -49.79 13.59
C THR C 198 7.93 -48.38 13.45
N CYS C 199 6.81 -48.25 12.74
CA CYS C 199 6.12 -46.99 12.58
C CYS C 199 4.74 -47.06 13.21
N GLU C 200 4.28 -45.94 13.75
CA GLU C 200 2.92 -45.87 14.30
C GLU C 200 2.28 -44.56 13.88
N ALA C 201 0.97 -44.61 13.68
CA ALA C 201 0.19 -43.45 13.26
C ALA C 201 -0.99 -43.26 14.19
N THR C 202 -1.18 -42.03 14.66
CA THR C 202 -2.30 -41.66 15.50
C THR C 202 -3.19 -40.71 14.73
N HIS C 203 -4.46 -41.07 14.60
CA HIS C 203 -5.45 -40.26 13.90
C HIS C 203 -6.74 -40.23 14.70
N LYS C 204 -7.54 -39.19 14.47
CA LYS C 204 -8.78 -39.03 15.24
C LYS C 204 -9.83 -40.05 14.87
N THR C 205 -9.71 -40.72 13.72
CA THR C 205 -10.71 -41.70 13.31
C THR C 205 -10.62 -43.00 14.09
N SER C 206 -9.50 -43.25 14.77
CA SER C 206 -9.33 -44.47 15.54
C SER C 206 -8.72 -44.11 16.90
N THR C 207 -9.37 -44.58 17.97
CA THR C 207 -8.83 -44.33 19.31
C THR C 207 -7.48 -45.00 19.50
N SER C 208 -7.34 -46.24 19.04
CA SER C 208 -6.07 -46.93 19.14
C SER C 208 -5.18 -46.59 17.95
N PRO C 209 -3.97 -46.09 18.17
CA PRO C 209 -3.07 -45.81 17.05
C PRO C 209 -2.74 -47.09 16.30
N ILE C 210 -2.59 -46.98 14.99
CA ILE C 210 -2.35 -48.12 14.12
C ILE C 210 -0.85 -48.23 13.87
N VAL C 211 -0.30 -49.42 14.06
CA VAL C 211 1.14 -49.64 14.11
C VAL C 211 1.52 -50.70 13.09
N LYS C 212 2.60 -50.43 12.35
CA LYS C 212 3.15 -51.38 11.40
C LYS C 212 4.63 -51.59 11.72
N SER C 213 5.02 -52.85 11.91
CA SER C 213 6.37 -53.19 12.31
C SER C 213 7.18 -53.68 11.12
N PHE C 214 8.51 -53.60 11.26
CA PHE C 214 9.44 -54.05 10.23
C PHE C 214 10.53 -54.88 10.89
N ASN C 215 11.05 -55.84 10.11
CA ASN C 215 12.12 -56.71 10.58
C ASN C 215 13.17 -56.85 9.48
N ARG C 216 14.40 -57.14 9.91
CA ARG C 216 15.53 -57.29 9.00
C ARG C 216 15.75 -56.05 8.15
#